data_5XLI
#
_entry.id   5XLI
#
_cell.length_a   41.654
_cell.length_b   150.498
_cell.length_c   75.322
_cell.angle_alpha   90.000
_cell.angle_beta   93.100
_cell.angle_gamma   90.000
#
_symmetry.space_group_name_H-M   'P 1 21 1'
#
loop_
_entity.id
_entity.type
_entity.pdbx_description
1 polymer FabL
2 polymer FabH
3 water water
#
loop_
_entity_poly.entity_id
_entity_poly.type
_entity_poly.pdbx_seq_one_letter_code
_entity_poly.pdbx_strand_id
1 'polypeptide(L)'
;DIVLTQSPAIMSASPGEKVTMTCSASSSVTYMYWYQQKPGSSPRLLIYDTSNLASGVPVRFSGSGSGTSYSLTISRMEAE
DAATFYCQQWSSYPLTFGAGTKLELKRADAAPTVSIFPPSSEQLTSGGASVVCFLNNFYPKDINVKWKIDGSERQNGVLN
SWTDQDSKDSTYSMSSTLTLTKDEYERHNSYTCEATHKTSTSPIVKSFNRNEC
;
a,b
2 'polypeptide(L)'
;DVQLVESGGGLVQPGGSRKLSCAASGFTFSGFGMHWVRQAPEKGLEWVAYISSGSSLIYYADTVKGRFTISRDNPKNTLF
LQMTSLRSEDTAMYFCATSLYYGTPWFAYWGQGTLVTVSAAKTTPPSVYPLAPGCGDTTGSSVTLGCLVKGYFPESVTVT
WNSGSLSSSVHTFPALLQSGLYTMSSSVTVPSSTWPSQTVTCSVAHPASSTTVDKKLEPS
;
c,d
#
# COMPACT_ATOMS: atom_id res chain seq x y z
N ASP A 1 12.24 -5.51 3.11
CA ASP A 1 11.79 -5.87 1.77
C ASP A 1 12.89 -5.54 0.76
N ILE A 2 13.74 -6.52 0.56
CA ILE A 2 14.73 -6.47 -0.50
C ILE A 2 14.06 -6.86 -1.81
N VAL A 3 14.38 -6.14 -2.89
CA VAL A 3 13.88 -6.47 -4.21
C VAL A 3 14.98 -7.22 -4.95
N LEU A 4 14.63 -8.40 -5.48
CA LEU A 4 15.56 -9.24 -6.22
C LEU A 4 15.24 -9.22 -7.70
N THR A 5 16.25 -8.98 -8.54
CA THR A 5 16.10 -8.90 -9.99
C THR A 5 16.89 -10.03 -10.66
N GLN A 6 16.19 -10.91 -11.38
CA GLN A 6 16.82 -12.05 -12.04
C GLN A 6 16.98 -11.81 -13.52
N SER A 7 18.17 -12.17 -14.04
CA SER A 7 18.54 -12.01 -15.45
CA SER A 7 18.51 -12.02 -15.44
C SER A 7 19.23 -13.27 -15.94
N PRO A 8 18.93 -13.73 -17.17
CA PRO A 8 17.88 -13.16 -18.01
C PRO A 8 16.51 -13.70 -17.58
N ALA A 9 15.43 -13.04 -17.99
CA ALA A 9 14.10 -13.53 -17.63
C ALA A 9 13.80 -14.84 -18.34
N ILE A 10 14.29 -14.99 -19.57
CA ILE A 10 14.13 -16.20 -20.37
C ILE A 10 15.44 -16.45 -21.12
N MET A 11 15.87 -17.71 -21.17
CA MET A 11 17.07 -18.08 -21.92
C MET A 11 16.94 -19.53 -22.38
N SER A 12 17.77 -19.91 -23.35
CA SER A 12 17.76 -21.26 -23.91
CA SER A 12 17.75 -21.27 -23.89
C SER A 12 19.16 -21.82 -23.98
N ALA A 13 19.30 -23.13 -23.77
CA ALA A 13 20.58 -23.81 -23.83
C ALA A 13 20.41 -25.21 -24.41
N SER A 14 21.49 -25.69 -25.13
CA SER A 14 21.51 -27.08 -25.59
C SER A 14 22.24 -27.95 -24.60
N PRO A 15 21.86 -29.22 -24.49
CA PRO A 15 22.58 -30.14 -23.60
C PRO A 15 24.07 -30.10 -23.88
N GLY A 16 24.85 -29.99 -22.80
CA GLY A 16 26.28 -29.90 -22.87
C GLY A 16 26.82 -28.49 -22.65
N GLU A 17 25.99 -27.46 -22.81
CA GLU A 17 26.42 -26.08 -22.65
C GLU A 17 26.51 -25.71 -21.18
N LYS A 18 27.41 -24.76 -20.88
CA LYS A 18 27.41 -24.11 -19.58
C LYS A 18 26.29 -23.07 -19.51
N VAL A 19 25.67 -22.94 -18.34
CA VAL A 19 24.54 -22.04 -18.12
C VAL A 19 24.80 -21.22 -16.87
N THR A 20 24.66 -19.89 -16.97
CA THR A 20 24.80 -19.02 -15.81
C THR A 20 23.65 -18.03 -15.79
N MET A 21 23.03 -17.86 -14.62
CA MET A 21 21.97 -16.88 -14.45
C MET A 21 22.24 -16.08 -13.18
N THR A 22 21.83 -14.81 -13.17
CA THR A 22 22.19 -13.90 -12.10
C THR A 22 20.97 -13.42 -11.31
N CYS A 23 21.23 -12.97 -10.09
CA CYS A 23 20.22 -12.45 -9.17
C CYS A 23 20.86 -11.29 -8.41
N SER A 24 20.39 -10.06 -8.64
CA SER A 24 20.94 -8.91 -7.93
C SER A 24 19.90 -8.34 -6.97
N ALA A 25 20.38 -7.70 -5.91
CA ALA A 25 19.55 -7.31 -4.80
C ALA A 25 19.63 -5.80 -4.59
N SER A 26 18.50 -5.22 -4.14
CA SER A 26 18.43 -3.76 -3.97
C SER A 26 19.23 -3.30 -2.76
N SER A 27 19.53 -4.20 -1.83
CA SER A 27 20.38 -3.93 -0.69
CA SER A 27 20.43 -3.91 -0.72
C SER A 27 21.12 -5.22 -0.34
N SER A 28 22.14 -5.10 0.50
CA SER A 28 22.98 -6.26 0.84
C SER A 28 22.19 -7.39 1.48
N VAL A 29 22.53 -8.61 1.07
CA VAL A 29 21.86 -9.84 1.46
C VAL A 29 22.81 -10.68 2.32
N THR A 30 22.25 -11.46 3.27
CA THR A 30 23.12 -12.29 4.09
C THR A 30 23.37 -13.66 3.46
N TYR A 31 22.32 -14.31 2.98
CA TYR A 31 22.45 -15.57 2.23
C TYR A 31 21.45 -15.57 1.09
N MET A 32 21.81 -16.26 0.01
CA MET A 32 20.91 -16.48 -1.12
C MET A 32 20.62 -17.98 -1.26
N TYR A 33 19.39 -18.29 -1.69
CA TYR A 33 18.89 -19.65 -1.86
C TYR A 33 18.35 -19.75 -3.28
N TRP A 34 18.47 -20.94 -3.90
CA TRP A 34 18.00 -21.12 -5.27
C TRP A 34 17.06 -22.31 -5.36
N TYR A 35 15.99 -22.17 -6.16
CA TYR A 35 14.96 -23.20 -6.30
C TYR A 35 14.74 -23.48 -7.77
N GLN A 36 14.38 -24.72 -8.10
CA GLN A 36 13.99 -25.13 -9.45
C GLN A 36 12.55 -25.61 -9.43
N GLN A 37 11.76 -25.23 -10.45
CA GLN A 37 10.37 -25.66 -10.54
C GLN A 37 9.99 -25.97 -11.98
N LYS A 38 9.32 -27.11 -12.18
CA LYS A 38 8.74 -27.49 -13.47
C LYS A 38 7.23 -27.42 -13.41
N PRO A 39 6.54 -27.19 -14.54
CA PRO A 39 5.09 -27.01 -14.50
C PRO A 39 4.38 -28.20 -13.85
N GLY A 40 3.40 -27.90 -13.01
CA GLY A 40 2.63 -28.93 -12.35
C GLY A 40 3.34 -29.62 -11.20
N SER A 41 4.54 -29.18 -10.84
CA SER A 41 5.29 -29.75 -9.73
C SER A 41 5.63 -28.67 -8.72
N SER A 42 5.93 -29.11 -7.49
CA SER A 42 6.39 -28.20 -6.45
C SER A 42 7.84 -27.79 -6.68
N PRO A 43 8.25 -26.62 -6.20
CA PRO A 43 9.66 -26.23 -6.33
C PRO A 43 10.55 -27.19 -5.53
N ARG A 44 11.81 -27.28 -5.92
CA ARG A 44 12.78 -28.00 -5.10
C ARG A 44 14.01 -27.14 -4.84
N LEU A 45 14.54 -27.28 -3.63
CA LEU A 45 15.73 -26.52 -3.25
C LEU A 45 16.97 -27.06 -3.95
N LEU A 46 17.75 -26.16 -4.55
CA LEU A 46 19.01 -26.50 -5.22
C LEU A 46 20.23 -26.10 -4.42
N ILE A 47 20.26 -24.86 -3.92
CA ILE A 47 21.43 -24.23 -3.30
C ILE A 47 20.97 -23.51 -2.04
N TYR A 48 21.68 -23.71 -0.91
CA TYR A 48 21.36 -22.98 0.31
C TYR A 48 22.61 -22.30 0.87
N ASP A 49 22.38 -21.23 1.63
CA ASP A 49 23.47 -20.42 2.22
C ASP A 49 24.49 -20.03 1.16
N THR A 50 23.97 -19.55 0.01
CA THR A 50 24.68 -18.94 -1.11
C THR A 50 25.44 -19.94 -1.98
N SER A 51 26.17 -20.90 -1.37
CA SER A 51 27.03 -21.76 -2.17
C SER A 51 26.99 -23.24 -1.78
N ASN A 52 26.06 -23.67 -0.93
CA ASN A 52 25.99 -25.08 -0.50
C ASN A 52 25.00 -25.85 -1.39
N LEU A 53 25.47 -26.96 -1.99
CA LEU A 53 24.60 -27.82 -2.81
C LEU A 53 23.64 -28.63 -1.92
N ALA A 54 22.33 -28.59 -2.22
CA ALA A 54 21.37 -29.31 -1.38
C ALA A 54 21.50 -30.81 -1.60
N SER A 55 21.10 -31.57 -0.59
CA SER A 55 21.23 -33.01 -0.63
CA SER A 55 21.23 -33.02 -0.63
C SER A 55 20.39 -33.60 -1.76
N GLY A 56 20.97 -34.57 -2.47
CA GLY A 56 20.31 -35.22 -3.58
C GLY A 56 20.28 -34.46 -4.89
N VAL A 57 20.79 -33.24 -4.93
CA VAL A 57 20.80 -32.43 -6.15
C VAL A 57 22.06 -32.75 -6.96
N PRO A 58 21.99 -32.83 -8.29
CA PRO A 58 23.19 -33.17 -9.08
C PRO A 58 24.30 -32.13 -8.91
N VAL A 59 25.55 -32.63 -8.97
CA VAL A 59 26.72 -31.77 -8.72
C VAL A 59 27.00 -30.78 -9.83
N ARG A 60 26.36 -30.90 -11.01
CA ARG A 60 26.54 -29.88 -12.03
C ARG A 60 26.00 -28.51 -11.62
N PHE A 61 25.19 -28.43 -10.56
CA PHE A 61 24.68 -27.16 -10.03
C PHE A 61 25.65 -26.55 -9.02
N SER A 62 25.85 -25.23 -9.09
CA SER A 62 26.67 -24.54 -8.10
C SER A 62 26.14 -23.11 -7.93
N GLY A 63 26.38 -22.54 -6.75
CA GLY A 63 25.98 -21.16 -6.48
C GLY A 63 27.13 -20.34 -5.95
N SER A 64 27.05 -19.02 -6.19
CA SER A 64 28.08 -18.11 -5.71
CA SER A 64 28.10 -18.09 -5.77
C SER A 64 27.47 -16.73 -5.51
N GLY A 65 28.23 -15.87 -4.84
CA GLY A 65 27.84 -14.47 -4.73
C GLY A 65 28.27 -13.85 -3.41
N SER A 66 28.01 -12.55 -3.30
CA SER A 66 28.32 -11.83 -2.08
C SER A 66 27.63 -10.48 -2.21
N GLY A 67 27.42 -9.81 -1.08
CA GLY A 67 26.86 -8.47 -1.12
C GLY A 67 25.51 -8.43 -1.81
N THR A 68 25.47 -7.74 -2.96
CA THR A 68 24.25 -7.55 -3.72
C THR A 68 24.19 -8.36 -5.03
N SER A 69 25.17 -9.21 -5.33
CA SER A 69 25.19 -9.92 -6.62
CA SER A 69 25.22 -9.92 -6.62
C SER A 69 25.43 -11.41 -6.40
N TYR A 70 24.56 -12.23 -7.01
CA TYR A 70 24.59 -13.69 -6.86
C TYR A 70 24.38 -14.35 -8.22
N SER A 71 24.76 -15.64 -8.31
CA SER A 71 24.55 -16.37 -9.55
C SER A 71 24.41 -17.86 -9.25
N LEU A 72 23.77 -18.54 -10.20
CA LEU A 72 23.59 -20.00 -10.22
C LEU A 72 24.15 -20.50 -11.55
N THR A 73 24.97 -21.56 -11.50
CA THR A 73 25.62 -22.05 -12.70
C THR A 73 25.36 -23.54 -12.88
N ILE A 74 25.05 -23.97 -14.10
CA ILE A 74 25.00 -25.38 -14.48
C ILE A 74 26.23 -25.64 -15.35
N SER A 75 27.15 -26.47 -14.86
CA SER A 75 28.43 -26.65 -15.58
C SER A 75 28.20 -27.22 -16.97
N ARG A 76 27.27 -28.15 -17.11
CA ARG A 76 26.93 -28.77 -18.40
C ARG A 76 25.44 -29.09 -18.37
N MET A 77 24.67 -28.38 -19.19
CA MET A 77 23.22 -28.55 -19.24
C MET A 77 22.83 -29.97 -19.60
N GLU A 78 21.83 -30.50 -18.90
CA GLU A 78 21.15 -31.72 -19.31
C GLU A 78 19.71 -31.35 -19.69
N ALA A 79 19.13 -32.14 -20.59
CA ALA A 79 17.79 -31.81 -21.08
C ALA A 79 16.78 -31.71 -19.94
N GLU A 80 16.96 -32.51 -18.88
CA GLU A 80 16.02 -32.51 -17.76
C GLU A 80 16.12 -31.25 -16.89
N ASP A 81 17.08 -30.37 -17.15
CA ASP A 81 17.24 -29.18 -16.32
C ASP A 81 16.32 -28.04 -16.71
N ALA A 82 15.73 -28.09 -17.91
CA ALA A 82 14.82 -27.03 -18.34
C ALA A 82 13.71 -26.86 -17.31
N ALA A 83 13.54 -25.62 -16.84
CA ALA A 83 12.66 -25.31 -15.72
C ALA A 83 12.71 -23.81 -15.46
N THR A 84 11.92 -23.33 -14.50
CA THR A 84 12.07 -21.97 -14.02
C THR A 84 12.88 -21.99 -12.72
N PHE A 85 13.83 -21.07 -12.59
CA PHE A 85 14.72 -21.01 -11.44
C PHE A 85 14.45 -19.72 -10.67
N TYR A 86 14.30 -19.83 -9.36
CA TYR A 86 14.02 -18.69 -8.49
C TYR A 86 15.12 -18.51 -7.47
N CYS A 87 15.54 -17.26 -7.24
CA CYS A 87 16.38 -16.95 -6.09
C CYS A 87 15.53 -16.40 -4.95
N GLN A 88 16.02 -16.58 -3.71
CA GLN A 88 15.29 -16.12 -2.53
C GLN A 88 16.33 -15.67 -1.51
N GLN A 89 16.12 -14.51 -0.88
CA GLN A 89 17.16 -13.95 -0.02
C GLN A 89 16.79 -14.02 1.46
N TRP A 90 17.82 -14.17 2.28
CA TRP A 90 17.72 -13.95 3.72
C TRP A 90 18.55 -12.72 4.11
N SER A 91 17.90 -11.80 4.83
CA SER A 91 18.51 -10.64 5.48
C SER A 91 17.77 -10.38 6.79
N SER A 92 16.50 -10.00 6.66
CA SER A 92 15.54 -9.98 7.75
C SER A 92 14.17 -10.21 7.13
N TYR A 93 13.21 -10.68 7.93
CA TYR A 93 11.88 -10.87 7.37
C TYR A 93 11.35 -9.54 6.84
N PRO A 94 10.60 -9.55 5.72
CA PRO A 94 10.07 -10.70 4.98
C PRO A 94 11.07 -11.38 4.06
N LEU A 95 10.85 -12.67 3.82
CA LEU A 95 11.61 -13.40 2.82
C LEU A 95 11.07 -13.05 1.44
N THR A 96 11.95 -12.69 0.52
CA THR A 96 11.52 -12.34 -0.83
C THR A 96 12.25 -13.17 -1.88
N PHE A 97 11.60 -13.26 -3.04
CA PHE A 97 12.02 -14.01 -4.21
C PHE A 97 12.26 -13.08 -5.39
N GLY A 98 13.16 -13.50 -6.27
CA GLY A 98 13.15 -12.95 -7.63
C GLY A 98 11.97 -13.48 -8.43
N ALA A 99 11.79 -12.90 -9.60
CA ALA A 99 10.66 -13.24 -10.46
C ALA A 99 10.93 -14.43 -11.37
N GLY A 100 12.13 -15.00 -11.32
CA GLY A 100 12.46 -16.23 -12.02
C GLY A 100 13.23 -16.04 -13.33
N THR A 101 14.08 -17.02 -13.65
CA THR A 101 14.66 -17.19 -14.98
C THR A 101 14.09 -18.47 -15.55
N LYS A 102 13.47 -18.37 -16.73
CA LYS A 102 12.96 -19.56 -17.41
C LYS A 102 14.01 -20.07 -18.37
N LEU A 103 14.52 -21.27 -18.10
CA LEU A 103 15.54 -21.91 -18.93
C LEU A 103 14.84 -22.90 -19.86
N GLU A 104 14.81 -22.57 -21.15
CA GLU A 104 14.23 -23.40 -22.19
C GLU A 104 15.28 -24.33 -22.79
N LEU A 105 14.81 -25.44 -23.35
CA LEU A 105 15.71 -26.37 -24.03
C LEU A 105 15.89 -25.91 -25.47
N LYS A 106 17.15 -25.62 -25.84
CA LYS A 106 17.42 -25.18 -27.20
C LYS A 106 17.31 -26.35 -28.18
N ARG A 107 16.89 -26.03 -29.40
CA ARG A 107 16.37 -27.04 -30.31
C ARG A 107 16.62 -26.57 -31.73
N ALA A 108 16.57 -27.51 -32.67
CA ALA A 108 16.71 -27.14 -34.07
C ALA A 108 15.47 -26.38 -34.55
N ASP A 109 15.69 -25.46 -35.49
CA ASP A 109 14.59 -24.68 -36.06
C ASP A 109 13.52 -25.62 -36.63
N ALA A 110 12.28 -25.14 -36.60
CA ALA A 110 11.13 -25.84 -37.14
C ALA A 110 10.09 -24.83 -37.59
N ALA A 111 9.59 -24.97 -38.83
CA ALA A 111 8.56 -24.06 -39.31
C ALA A 111 7.19 -24.47 -38.78
N PRO A 112 6.30 -23.50 -38.57
CA PRO A 112 4.96 -23.84 -38.10
C PRO A 112 4.12 -24.47 -39.20
N THR A 113 3.23 -25.37 -38.80
CA THR A 113 2.17 -25.87 -39.65
C THR A 113 0.91 -25.09 -39.29
N VAL A 114 0.30 -24.45 -40.28
CA VAL A 114 -0.78 -23.50 -40.06
C VAL A 114 -2.08 -24.11 -40.56
N SER A 115 -3.15 -24.01 -39.76
CA SER A 115 -4.45 -24.52 -40.14
C SER A 115 -5.54 -23.53 -39.72
N ILE A 116 -6.48 -23.23 -40.63
CA ILE A 116 -7.59 -22.32 -40.34
C ILE A 116 -8.90 -23.11 -40.29
N PHE A 117 -9.78 -22.70 -39.39
CA PHE A 117 -11.07 -23.35 -39.24
C PHE A 117 -12.20 -22.32 -39.18
N PRO A 118 -13.27 -22.51 -39.96
CA PRO A 118 -14.42 -21.62 -39.85
C PRO A 118 -15.23 -21.95 -38.61
N PRO A 119 -16.10 -21.01 -38.19
CA PRO A 119 -17.01 -21.29 -37.07
C PRO A 119 -17.88 -22.49 -37.36
N SER A 120 -18.18 -23.28 -36.33
CA SER A 120 -19.07 -24.41 -36.48
C SER A 120 -20.52 -23.94 -36.56
N SER A 121 -21.36 -24.75 -37.21
CA SER A 121 -22.80 -24.51 -37.21
C SER A 121 -23.36 -24.48 -35.80
N GLU A 122 -22.82 -25.32 -34.90
CA GLU A 122 -23.29 -25.31 -33.52
C GLU A 122 -23.02 -23.96 -32.86
N GLN A 123 -21.85 -23.37 -33.09
CA GLN A 123 -21.57 -22.08 -32.48
C GLN A 123 -22.44 -20.99 -33.08
N LEU A 124 -22.72 -21.06 -34.39
CA LEU A 124 -23.48 -19.99 -35.02
C LEU A 124 -24.89 -19.90 -34.45
N THR A 125 -25.50 -21.04 -34.08
CA THR A 125 -26.82 -21.01 -33.49
C THR A 125 -26.86 -20.24 -32.17
N SER A 126 -25.71 -20.07 -31.51
CA SER A 126 -25.65 -19.34 -30.25
C SER A 126 -25.43 -17.84 -30.44
N GLY A 127 -25.29 -17.37 -31.67
CA GLY A 127 -25.09 -15.96 -31.94
C GLY A 127 -23.65 -15.50 -32.01
N GLY A 128 -22.69 -16.41 -31.80
CA GLY A 128 -21.29 -16.05 -31.88
C GLY A 128 -20.58 -16.76 -33.01
N ALA A 129 -19.39 -16.27 -33.37
CA ALA A 129 -18.64 -16.86 -34.48
C ALA A 129 -17.17 -16.71 -34.15
N SER A 130 -16.49 -17.83 -33.91
CA SER A 130 -15.05 -17.82 -33.65
C SER A 130 -14.34 -18.48 -34.82
N VAL A 131 -13.38 -17.76 -35.41
CA VAL A 131 -12.50 -18.29 -36.44
C VAL A 131 -11.17 -18.61 -35.78
N VAL A 132 -10.67 -19.82 -35.99
CA VAL A 132 -9.52 -20.33 -35.24
C VAL A 132 -8.39 -20.66 -36.21
N CYS A 133 -7.18 -20.29 -35.81
CA CYS A 133 -5.99 -20.66 -36.57
CA CYS A 133 -5.97 -20.62 -36.57
C CYS A 133 -4.96 -21.25 -35.62
N PHE A 134 -4.50 -22.47 -35.94
CA PHE A 134 -3.45 -23.16 -35.18
C PHE A 134 -2.13 -22.97 -35.92
N LEU A 135 -1.11 -22.55 -35.18
CA LEU A 135 0.27 -22.47 -35.66
C LEU A 135 1.07 -23.44 -34.81
N ASN A 136 1.39 -24.61 -35.35
CA ASN A 136 1.85 -25.73 -34.52
C ASN A 136 3.29 -26.12 -34.80
N ASN A 137 3.99 -26.49 -33.73
CA ASN A 137 5.26 -27.20 -33.77
C ASN A 137 6.38 -26.38 -34.42
N PHE A 138 6.54 -25.13 -33.96
CA PHE A 138 7.59 -24.27 -34.47
C PHE A 138 8.65 -23.98 -33.42
N TYR A 139 9.83 -23.56 -33.91
CA TYR A 139 10.91 -23.14 -33.03
C TYR A 139 11.80 -22.17 -33.79
N PRO A 140 12.21 -21.03 -33.20
CA PRO A 140 11.97 -20.56 -31.83
C PRO A 140 10.58 -19.98 -31.58
N LYS A 141 10.38 -19.34 -30.41
CA LYS A 141 9.04 -19.04 -29.91
C LYS A 141 8.43 -17.78 -30.54
N ASP A 142 9.24 -16.82 -30.97
CA ASP A 142 8.70 -15.57 -31.46
C ASP A 142 8.06 -15.76 -32.84
N ILE A 143 6.81 -15.33 -32.97
CA ILE A 143 6.05 -15.52 -34.20
C ILE A 143 4.98 -14.44 -34.26
N ASN A 144 4.59 -14.08 -35.47
CA ASN A 144 3.57 -13.07 -35.70
C ASN A 144 2.43 -13.69 -36.51
N VAL A 145 1.20 -13.39 -36.11
CA VAL A 145 0.02 -13.77 -36.88
C VAL A 145 -0.77 -12.51 -37.23
N LYS A 146 -1.31 -12.47 -38.45
CA LYS A 146 -2.10 -11.35 -38.95
C LYS A 146 -3.38 -11.89 -39.55
N TRP A 147 -4.52 -11.31 -39.17
CA TRP A 147 -5.82 -11.68 -39.71
C TRP A 147 -6.28 -10.67 -40.76
N LYS A 148 -6.91 -11.18 -41.82
CA LYS A 148 -7.55 -10.32 -42.81
C LYS A 148 -8.96 -10.83 -43.09
N ILE A 149 -9.89 -9.89 -43.26
CA ILE A 149 -11.29 -10.17 -43.56
C ILE A 149 -11.62 -9.40 -44.83
N ASP A 150 -11.98 -10.14 -45.88
CA ASP A 150 -12.20 -9.55 -47.21
C ASP A 150 -11.01 -8.67 -47.61
N GLY A 151 -9.80 -9.11 -47.23
CA GLY A 151 -8.56 -8.44 -47.58
C GLY A 151 -8.09 -7.35 -46.63
N SER A 152 -8.90 -6.96 -45.64
CA SER A 152 -8.55 -5.86 -44.75
C SER A 152 -8.08 -6.39 -43.40
N GLU A 153 -6.91 -5.96 -42.96
CA GLU A 153 -6.35 -6.42 -41.70
C GLU A 153 -7.32 -6.15 -40.55
N ARG A 154 -7.45 -7.13 -39.66
CA ARG A 154 -8.30 -7.03 -38.47
C ARG A 154 -7.44 -7.30 -37.24
N GLN A 155 -7.47 -6.38 -36.28
CA GLN A 155 -6.73 -6.56 -35.04
C GLN A 155 -7.64 -6.70 -33.83
N ASN A 156 -8.74 -5.96 -33.79
CA ASN A 156 -9.67 -6.04 -32.68
C ASN A 156 -10.32 -7.42 -32.62
N GLY A 157 -10.44 -7.96 -31.41
CA GLY A 157 -11.11 -9.23 -31.23
C GLY A 157 -10.27 -10.47 -31.47
N VAL A 158 -8.94 -10.33 -31.49
CA VAL A 158 -8.05 -11.47 -31.65
C VAL A 158 -7.44 -11.81 -30.29
N LEU A 159 -7.37 -13.10 -29.98
CA LEU A 159 -6.77 -13.58 -28.75
C LEU A 159 -5.83 -14.73 -29.07
N ASN A 160 -4.61 -14.66 -28.54
CA ASN A 160 -3.57 -15.64 -28.83
C ASN A 160 -3.18 -16.38 -27.55
N SER A 161 -2.97 -17.69 -27.68
CA SER A 161 -2.56 -18.53 -26.55
C SER A 161 -1.40 -19.41 -26.97
N TRP A 162 -0.30 -19.37 -26.21
CA TRP A 162 0.91 -20.14 -26.48
C TRP A 162 1.00 -21.35 -25.55
N THR A 163 1.43 -22.49 -26.10
CA THR A 163 1.74 -23.63 -25.24
C THR A 163 3.12 -23.47 -24.64
N ASP A 164 3.37 -24.22 -23.57
CA ASP A 164 4.73 -24.43 -23.07
C ASP A 164 5.48 -25.35 -24.04
N GLN A 165 6.81 -25.34 -23.93
CA GLN A 165 7.65 -26.22 -24.74
C GLN A 165 7.15 -27.66 -24.66
N ASP A 166 7.01 -28.29 -25.82
CA ASP A 166 6.49 -29.65 -25.88
C ASP A 166 7.49 -30.61 -25.22
N SER A 167 6.96 -31.51 -24.38
CA SER A 167 7.80 -32.45 -23.64
C SER A 167 8.40 -33.53 -24.52
N LYS A 168 8.05 -33.59 -25.80
CA LYS A 168 8.53 -34.63 -26.69
C LYS A 168 9.48 -34.11 -27.75
N ASP A 169 9.13 -33.01 -28.44
CA ASP A 169 10.01 -32.45 -29.46
C ASP A 169 10.48 -31.04 -29.18
N SER A 170 10.14 -30.46 -28.02
CA SER A 170 10.66 -29.16 -27.57
C SER A 170 10.25 -28.00 -28.49
N THR A 171 9.20 -28.17 -29.30
CA THR A 171 8.70 -27.07 -30.09
C THR A 171 7.62 -26.32 -29.32
N TYR A 172 7.18 -25.20 -29.89
CA TYR A 172 6.06 -24.41 -29.41
C TYR A 172 4.90 -24.49 -30.39
N SER A 173 3.71 -24.15 -29.89
CA SER A 173 2.52 -24.00 -30.72
C SER A 173 1.71 -22.82 -30.20
N MET A 174 0.83 -22.31 -31.06
CA MET A 174 0.06 -21.13 -30.68
C MET A 174 -1.29 -21.19 -31.37
N SER A 175 -2.33 -20.77 -30.67
CA SER A 175 -3.67 -20.69 -31.19
CA SER A 175 -3.67 -20.69 -31.22
C SER A 175 -4.07 -19.23 -31.29
N SER A 176 -4.66 -18.84 -32.41
CA SER A 176 -5.12 -17.47 -32.59
C SER A 176 -6.60 -17.53 -32.92
N THR A 177 -7.41 -16.83 -32.15
CA THR A 177 -8.87 -16.87 -32.29
C THR A 177 -9.41 -15.48 -32.56
N LEU A 178 -10.13 -15.35 -33.67
CA LEU A 178 -10.81 -14.12 -34.05
C LEU A 178 -12.29 -14.30 -33.74
N THR A 179 -12.82 -13.48 -32.83
CA THR A 179 -14.20 -13.64 -32.40
C THR A 179 -15.08 -12.52 -32.94
N LEU A 180 -16.17 -12.91 -33.60
CA LEU A 180 -17.14 -12.00 -34.20
C LEU A 180 -18.54 -12.36 -33.73
N THR A 181 -19.48 -11.46 -33.94
CA THR A 181 -20.87 -11.86 -33.83
C THR A 181 -21.25 -12.69 -35.05
N LYS A 182 -22.34 -13.44 -34.93
CA LYS A 182 -22.83 -14.20 -36.08
C LYS A 182 -23.11 -13.26 -37.25
N ASP A 183 -23.85 -12.19 -36.98
CA ASP A 183 -24.25 -11.28 -38.04
C ASP A 183 -23.06 -10.66 -38.75
N GLU A 184 -22.03 -10.27 -37.99
CA GLU A 184 -20.84 -9.70 -38.61
C GLU A 184 -20.12 -10.73 -39.46
N TYR A 185 -20.00 -11.96 -38.95
CA TYR A 185 -19.32 -13.01 -39.70
C TYR A 185 -20.01 -13.27 -41.03
N GLU A 186 -21.34 -13.24 -41.04
CA GLU A 186 -22.09 -13.56 -42.25
C GLU A 186 -22.19 -12.38 -43.20
N ARG A 187 -21.57 -11.25 -42.87
CA ARG A 187 -21.51 -10.09 -43.75
C ARG A 187 -20.19 -10.02 -44.53
N HIS A 188 -19.32 -11.00 -44.36
CA HIS A 188 -18.01 -11.01 -45.02
C HIS A 188 -17.80 -12.38 -45.65
N ASN A 189 -16.81 -12.46 -46.55
CA ASN A 189 -16.62 -13.68 -47.33
C ASN A 189 -15.29 -14.37 -47.10
N SER A 190 -14.16 -13.66 -47.21
CA SER A 190 -12.83 -14.27 -47.13
CA SER A 190 -12.85 -14.31 -47.12
C SER A 190 -12.22 -14.04 -45.76
N TYR A 191 -11.68 -15.09 -45.15
CA TYR A 191 -11.05 -15.04 -43.84
C TYR A 191 -9.66 -15.64 -43.97
N THR A 192 -8.64 -14.90 -43.55
CA THR A 192 -7.26 -15.25 -43.82
C THR A 192 -6.45 -15.11 -42.55
N CYS A 193 -5.64 -16.12 -42.23
CA CYS A 193 -4.64 -15.97 -41.19
CA CYS A 193 -4.65 -16.10 -41.15
C CYS A 193 -3.26 -16.22 -41.78
N GLU A 194 -2.32 -15.36 -41.39
CA GLU A 194 -0.98 -15.32 -41.99
C GLU A 194 0.08 -15.38 -40.90
N ALA A 195 0.97 -16.37 -41.01
CA ALA A 195 2.03 -16.60 -40.05
C ALA A 195 3.36 -16.17 -40.63
N THR A 196 4.10 -15.35 -39.87
CA THR A 196 5.47 -15.01 -40.22
C THR A 196 6.38 -15.50 -39.12
N HIS A 197 7.41 -16.26 -39.49
CA HIS A 197 8.36 -16.85 -38.56
C HIS A 197 9.76 -16.63 -39.10
N LYS A 198 10.76 -16.85 -38.23
CA LYS A 198 12.14 -16.79 -38.65
C LYS A 198 12.44 -17.77 -39.77
N THR A 199 11.73 -18.90 -39.81
CA THR A 199 11.94 -19.94 -40.80
C THR A 199 11.26 -19.65 -42.13
N SER A 200 10.30 -18.72 -42.15
CA SER A 200 9.43 -18.55 -43.32
C SER A 200 10.13 -17.70 -44.37
N THR A 201 10.44 -18.31 -45.52
CA THR A 201 10.94 -17.55 -46.65
C THR A 201 9.85 -16.67 -47.24
N SER A 202 8.58 -17.06 -47.07
CA SER A 202 7.43 -16.24 -47.35
C SER A 202 6.42 -16.53 -46.25
N PRO A 203 5.60 -15.56 -45.87
CA PRO A 203 4.58 -15.82 -44.86
C PRO A 203 3.65 -16.95 -45.30
N ILE A 204 3.28 -17.78 -44.34
CA ILE A 204 2.37 -18.90 -44.60
C ILE A 204 0.95 -18.39 -44.43
N VAL A 205 0.16 -18.48 -45.51
CA VAL A 205 -1.19 -17.93 -45.57
C VAL A 205 -2.17 -19.10 -45.68
N LYS A 206 -3.17 -19.13 -44.81
CA LYS A 206 -4.29 -20.06 -44.92
C LYS A 206 -5.58 -19.26 -44.94
N SER A 207 -6.50 -19.63 -45.83
CA SER A 207 -7.74 -18.88 -46.00
CA SER A 207 -7.75 -18.88 -45.96
C SER A 207 -8.91 -19.82 -46.24
N PHE A 208 -10.11 -19.31 -46.00
CA PHE A 208 -11.32 -19.94 -46.56
C PHE A 208 -12.27 -18.85 -47.01
N ASN A 209 -13.17 -19.21 -47.92
CA ASN A 209 -14.16 -18.30 -48.49
C ASN A 209 -15.53 -18.89 -48.24
N ARG A 210 -16.41 -18.11 -47.60
CA ARG A 210 -17.75 -18.61 -47.24
C ARG A 210 -18.59 -19.01 -48.45
N ASN A 211 -18.44 -18.32 -49.57
CA ASN A 211 -19.32 -18.53 -50.72
C ASN A 211 -18.69 -19.40 -51.80
N GLU A 212 -17.73 -20.25 -51.43
CA GLU A 212 -17.02 -21.05 -52.43
C GLU A 212 -17.60 -22.45 -52.61
N CYS A 213 -17.76 -23.21 -51.53
CA CYS A 213 -18.27 -24.58 -51.66
C CYS A 213 -19.09 -25.04 -50.45
N ASP B 1 -10.06 4.17 -0.71
CA ASP B 1 -10.56 2.94 -0.09
C ASP B 1 -9.37 2.13 0.43
N ILE B 2 -8.18 2.48 -0.05
CA ILE B 2 -6.96 1.90 0.46
C ILE B 2 -6.60 2.60 1.76
N VAL B 3 -6.44 1.83 2.83
CA VAL B 3 -6.14 2.35 4.16
C VAL B 3 -4.63 2.25 4.39
N LEU B 4 -4.03 3.35 4.82
CA LEU B 4 -2.59 3.39 5.07
C LEU B 4 -2.33 3.47 6.56
N THR B 5 -1.46 2.58 7.07
CA THR B 5 -1.16 2.48 8.49
C THR B 5 0.32 2.77 8.70
N GLN B 6 0.62 3.86 9.40
CA GLN B 6 1.99 4.25 9.70
C GLN B 6 2.42 3.78 11.09
N SER B 7 3.70 3.44 11.21
CA SER B 7 4.31 2.92 12.44
C SER B 7 5.74 3.42 12.52
N PRO B 8 6.22 3.81 13.72
CA PRO B 8 5.42 3.92 14.93
C PRO B 8 4.63 5.22 14.92
N ALA B 9 3.59 5.30 15.74
CA ALA B 9 2.79 6.53 15.78
C ALA B 9 3.61 7.71 16.31
N ILE B 10 4.51 7.45 17.27
CA ILE B 10 5.40 8.46 17.84
C ILE B 10 6.77 7.84 18.09
N MET B 11 7.83 8.61 17.87
CA MET B 11 9.19 8.16 18.15
C MET B 11 10.06 9.37 18.48
N SER B 12 11.22 9.08 19.07
CA SER B 12 12.21 10.09 19.44
C SER B 12 13.59 9.63 18.96
N ALA B 13 14.40 10.59 18.51
CA ALA B 13 15.75 10.28 18.08
C ALA B 13 16.70 11.40 18.47
N SER B 14 17.93 11.03 18.84
CA SER B 14 18.92 12.05 19.12
C SER B 14 19.68 12.42 17.85
N PRO B 15 20.26 13.61 17.79
CA PRO B 15 21.02 14.01 16.59
C PRO B 15 22.14 13.01 16.30
N GLY B 16 22.24 12.63 15.02
CA GLY B 16 23.21 11.67 14.55
C GLY B 16 22.69 10.25 14.42
N GLU B 17 21.52 9.95 14.98
CA GLU B 17 20.96 8.62 14.99
C GLU B 17 20.21 8.35 13.68
N LYS B 18 20.21 7.07 13.25
CA LYS B 18 19.43 6.69 12.09
C LYS B 18 17.96 6.51 12.48
N VAL B 19 17.06 6.95 11.60
CA VAL B 19 15.61 6.91 11.85
C VAL B 19 14.92 6.19 10.70
N THR B 20 14.07 5.21 11.01
CA THR B 20 13.27 4.57 9.98
C THR B 20 11.82 4.48 10.44
N MET B 21 10.90 4.90 9.58
CA MET B 21 9.48 4.75 9.85
C MET B 21 8.84 4.05 8.66
N THR B 22 7.69 3.40 8.90
CA THR B 22 7.08 2.56 7.87
C THR B 22 5.63 2.97 7.60
N CYS B 23 5.12 2.48 6.48
CA CYS B 23 3.76 2.77 6.02
C CYS B 23 3.27 1.52 5.29
N SER B 24 2.19 0.92 5.79
CA SER B 24 1.62 -0.32 5.22
C SER B 24 0.26 -0.03 4.60
N ALA B 25 0.07 -0.51 3.38
CA ALA B 25 -1.17 -0.31 2.63
C ALA B 25 -2.07 -1.54 2.72
N SER B 26 -3.39 -1.31 2.76
CA SER B 26 -4.32 -2.44 2.90
C SER B 26 -4.41 -3.28 1.62
N SER B 27 -4.05 -2.71 0.47
CA SER B 27 -3.89 -3.45 -0.78
CA SER B 27 -3.87 -3.47 -0.76
C SER B 27 -2.74 -2.80 -1.55
N SER B 28 -2.31 -3.46 -2.62
CA SER B 28 -1.14 -2.98 -3.37
C SER B 28 -1.39 -1.58 -3.94
N VAL B 29 -0.34 -0.74 -3.90
CA VAL B 29 -0.40 0.61 -4.47
C VAL B 29 0.75 0.78 -5.46
N THR B 30 0.61 1.80 -6.31
CA THR B 30 1.57 2.01 -7.40
C THR B 30 2.77 2.83 -6.93
N TYR B 31 2.54 3.95 -6.28
CA TYR B 31 3.62 4.79 -5.76
C TYR B 31 3.27 5.29 -4.37
N MET B 32 4.30 5.54 -3.56
CA MET B 32 4.14 6.19 -2.27
C MET B 32 4.85 7.53 -2.26
N TYR B 33 4.24 8.50 -1.59
CA TYR B 33 4.76 9.85 -1.44
C TYR B 33 4.89 10.12 0.05
N TRP B 34 5.89 10.91 0.41
CA TRP B 34 6.11 11.25 1.81
C TRP B 34 6.19 12.76 1.99
N TYR B 35 5.58 13.25 3.08
CA TYR B 35 5.49 14.68 3.41
C TYR B 35 5.96 14.90 4.84
N GLN B 36 6.55 16.07 5.09
CA GLN B 36 6.98 16.52 6.41
C GLN B 36 6.19 17.76 6.77
N GLN B 37 5.73 17.86 8.02
CA GLN B 37 4.97 19.03 8.47
C GLN B 37 5.35 19.41 9.90
N LYS B 38 5.62 20.69 10.11
CA LYS B 38 5.89 21.25 11.43
C LYS B 38 4.72 22.09 11.89
N PRO B 39 4.55 22.26 13.20
CA PRO B 39 3.36 22.97 13.70
C PRO B 39 3.21 24.35 13.07
N GLY B 40 1.98 24.68 12.70
CA GLY B 40 1.65 25.98 12.16
C GLY B 40 2.08 26.23 10.73
N SER B 41 2.71 25.26 10.07
CA SER B 41 3.15 25.42 8.69
C SER B 41 2.53 24.33 7.83
N SER B 42 2.60 24.53 6.52
CA SER B 42 2.06 23.59 5.54
C SER B 42 3.00 22.40 5.36
N PRO B 43 2.48 21.25 4.95
CA PRO B 43 3.36 20.13 4.62
C PRO B 43 4.27 20.49 3.45
N ARG B 44 5.41 19.80 3.39
CA ARG B 44 6.29 19.88 2.23
C ARG B 44 6.64 18.48 1.76
N LEU B 45 6.67 18.32 0.44
CA LEU B 45 7.03 17.04 -0.18
C LEU B 45 8.49 16.69 0.06
N LEU B 46 8.73 15.46 0.54
CA LEU B 46 10.07 14.94 0.77
C LEU B 46 10.47 13.93 -0.29
N ILE B 47 9.59 12.96 -0.59
CA ILE B 47 9.89 11.83 -1.46
C ILE B 47 8.72 11.66 -2.42
N TYR B 48 9.01 11.50 -3.72
CA TYR B 48 7.96 11.21 -4.69
C TYR B 48 8.27 9.95 -5.49
N ASP B 49 7.21 9.33 -5.99
CA ASP B 49 7.31 8.06 -6.72
C ASP B 49 8.20 7.07 -5.97
N THR B 50 7.89 6.91 -4.67
CA THR B 50 8.40 5.89 -3.75
C THR B 50 9.84 6.14 -3.30
N SER B 51 10.75 6.53 -4.21
CA SER B 51 12.15 6.60 -3.84
C SER B 51 12.93 7.79 -4.43
N ASN B 52 12.25 8.82 -4.92
CA ASN B 52 12.90 9.97 -5.53
C ASN B 52 12.92 11.15 -4.55
N LEU B 53 14.11 11.70 -4.30
CA LEU B 53 14.23 12.83 -3.39
C LEU B 53 13.74 14.11 -4.06
N ALA B 54 12.85 14.84 -3.39
CA ALA B 54 12.28 16.04 -3.99
C ALA B 54 13.30 17.16 -3.99
N SER B 55 13.06 18.14 -4.86
CA SER B 55 13.98 19.25 -5.02
C SER B 55 14.10 20.04 -3.72
N GLY B 56 15.34 20.35 -3.33
CA GLY B 56 15.60 21.16 -2.16
C GLY B 56 15.62 20.44 -0.83
N VAL B 57 15.33 19.14 -0.82
CA VAL B 57 15.27 18.35 0.41
C VAL B 57 16.65 17.78 0.73
N PRO B 58 17.07 17.72 1.99
CA PRO B 58 18.42 17.21 2.30
C PRO B 58 18.61 15.76 1.89
N VAL B 59 19.84 15.42 1.51
CA VAL B 59 20.12 14.08 0.97
C VAL B 59 20.10 12.99 2.04
N ARG B 60 20.08 13.36 3.34
CA ARG B 60 19.94 12.33 4.38
C ARG B 60 18.58 11.63 4.34
N PHE B 61 17.59 12.16 3.63
CA PHE B 61 16.29 11.49 3.47
C PHE B 61 16.29 10.53 2.29
N SER B 62 15.73 9.33 2.48
CA SER B 62 15.50 8.39 1.38
C SER B 62 14.20 7.63 1.59
N GLY B 63 13.67 7.08 0.50
CA GLY B 63 12.45 6.27 0.56
C GLY B 63 12.61 4.94 -0.13
N SER B 64 11.80 3.97 0.30
CA SER B 64 11.91 2.61 -0.22
C SER B 64 10.56 1.89 -0.11
N GLY B 65 10.47 0.72 -0.75
CA GLY B 65 9.33 -0.17 -0.60
C GLY B 65 8.73 -0.58 -1.94
N SER B 66 7.71 -1.44 -1.85
CA SER B 66 6.97 -1.92 -3.02
C SER B 66 5.71 -2.62 -2.54
N GLY B 67 4.77 -2.81 -3.45
CA GLY B 67 3.55 -3.54 -3.14
C GLY B 67 2.75 -2.85 -2.06
N THR B 68 2.70 -3.43 -0.86
CA THR B 68 1.99 -2.84 0.28
C THR B 68 2.91 -2.28 1.35
N SER B 69 4.22 -2.38 1.19
CA SER B 69 5.18 -2.14 2.27
C SER B 69 6.17 -1.05 1.88
N TYR B 70 6.20 0.07 2.64
CA TYR B 70 7.04 1.23 2.32
C TYR B 70 7.67 1.79 3.59
N SER B 71 8.75 2.58 3.40
CA SER B 71 9.49 3.13 4.52
C SER B 71 10.16 4.43 4.11
N LEU B 72 10.46 5.27 5.12
CA LEU B 72 11.21 6.51 4.97
C LEU B 72 12.34 6.45 5.98
N THR B 73 13.57 6.81 5.55
CA THR B 73 14.75 6.72 6.39
C THR B 73 15.51 8.04 6.42
N ILE B 74 15.94 8.46 7.61
CA ILE B 74 16.87 9.56 7.79
C ILE B 74 18.21 8.97 8.23
N SER B 75 19.25 9.19 7.41
CA SER B 75 20.53 8.51 7.68
C SER B 75 21.13 8.97 9.00
N ARG B 76 21.07 10.26 9.29
CA ARG B 76 21.57 10.83 10.53
C ARG B 76 20.65 11.98 10.91
N MET B 77 19.87 11.79 11.97
CA MET B 77 18.95 12.82 12.48
C MET B 77 19.66 14.15 12.68
N GLU B 78 19.02 15.23 12.24
CA GLU B 78 19.39 16.57 12.65
C GLU B 78 18.23 17.20 13.39
N ALA B 79 18.53 18.25 14.17
CA ALA B 79 17.52 18.85 15.02
C ALA B 79 16.34 19.38 14.22
N GLU B 80 16.60 19.96 13.04
CA GLU B 80 15.54 20.54 12.23
C GLU B 80 14.57 19.50 11.68
N ASP B 81 14.89 18.22 11.80
CA ASP B 81 14.07 17.19 11.17
C ASP B 81 12.82 16.88 11.98
N ALA B 82 12.79 17.27 13.26
CA ALA B 82 11.67 16.95 14.13
C ALA B 82 10.38 17.53 13.56
N ALA B 83 9.39 16.65 13.38
CA ALA B 83 8.18 16.98 12.64
C ALA B 83 7.24 15.78 12.62
N THR B 84 6.06 15.95 12.02
CA THR B 84 5.18 14.82 11.72
C THR B 84 5.32 14.46 10.25
N PHE B 85 5.46 13.18 9.96
CA PHE B 85 5.69 12.68 8.61
C PHE B 85 4.46 11.89 8.18
N TYR B 86 3.99 12.14 6.95
CA TYR B 86 2.82 11.45 6.41
C TYR B 86 3.17 10.75 5.11
N CYS B 87 2.67 9.54 4.93
CA CYS B 87 2.71 8.87 3.63
C CYS B 87 1.37 9.09 2.92
N GLN B 88 1.41 8.98 1.59
CA GLN B 88 0.24 9.20 0.73
C GLN B 88 0.42 8.31 -0.49
N GLN B 89 -0.64 7.60 -0.89
CA GLN B 89 -0.53 6.61 -1.95
C GLN B 89 -1.22 7.05 -3.24
N TRP B 90 -0.64 6.62 -4.37
CA TRP B 90 -1.31 6.66 -5.66
C TRP B 90 -1.61 5.23 -6.12
N SER B 91 -2.87 4.97 -6.43
CA SER B 91 -3.29 3.76 -7.11
C SER B 91 -4.44 4.13 -8.03
N SER B 92 -5.57 4.49 -7.44
CA SER B 92 -6.64 5.19 -8.13
C SER B 92 -7.26 6.14 -7.12
N TYR B 93 -8.01 7.12 -7.61
CA TYR B 93 -8.70 8.00 -6.69
C TYR B 93 -9.69 7.18 -5.85
N PRO B 94 -9.90 7.52 -4.56
CA PRO B 94 -9.35 8.69 -3.86
C PRO B 94 -7.89 8.54 -3.43
N LEU B 95 -7.19 9.67 -3.38
CA LEU B 95 -5.88 9.70 -2.75
C LEU B 95 -6.06 9.60 -1.23
N THR B 96 -5.27 8.76 -0.58
CA THR B 96 -5.41 8.58 0.87
C THR B 96 -4.05 8.74 1.55
N PHE B 97 -4.13 9.08 2.85
CA PHE B 97 -2.96 9.38 3.68
C PHE B 97 -2.90 8.42 4.85
N GLY B 98 -1.69 8.14 5.33
CA GLY B 98 -1.56 7.56 6.65
C GLY B 98 -1.82 8.60 7.74
N ALA B 99 -1.93 8.12 8.99
CA ALA B 99 -2.26 9.00 10.10
C ALA B 99 -1.03 9.66 10.71
N GLY B 100 0.16 9.40 10.18
CA GLY B 100 1.34 10.16 10.52
C GLY B 100 2.22 9.49 11.56
N THR B 101 3.53 9.74 11.47
CA THR B 101 4.52 9.43 12.50
C THR B 101 5.07 10.75 13.04
N LYS B 102 4.96 10.95 14.35
CA LYS B 102 5.45 12.17 14.99
C LYS B 102 6.86 11.92 15.51
N LEU B 103 7.83 12.60 14.91
CA LEU B 103 9.25 12.44 15.24
C LEU B 103 9.69 13.59 16.15
N GLU B 104 10.02 13.28 17.40
CA GLU B 104 10.51 14.27 18.35
C GLU B 104 12.00 14.12 18.55
N LEU B 105 12.62 15.19 19.03
CA LEU B 105 14.06 15.23 19.25
C LEU B 105 14.40 14.82 20.67
N LYS B 106 15.35 13.90 20.80
CA LYS B 106 15.79 13.42 22.11
C LYS B 106 16.87 14.34 22.66
N ARG B 107 16.78 14.64 23.95
CA ARG B 107 17.78 15.45 24.65
C ARG B 107 17.91 14.94 26.08
N ALA B 108 18.88 15.51 26.82
CA ALA B 108 19.07 15.13 28.21
C ALA B 108 17.85 15.54 29.05
N ASP B 109 17.57 14.75 30.08
CA ASP B 109 16.47 15.05 31.00
C ASP B 109 16.67 16.40 31.68
N ALA B 110 15.56 17.09 31.95
CA ALA B 110 15.59 18.34 32.69
C ALA B 110 14.34 18.44 33.55
N ALA B 111 14.50 18.95 34.78
CA ALA B 111 13.41 19.07 35.72
C ALA B 111 12.59 20.34 35.47
N PRO B 112 11.28 20.30 35.73
CA PRO B 112 10.43 21.47 35.52
C PRO B 112 10.72 22.59 36.52
N THR B 113 10.49 23.82 36.07
CA THR B 113 10.43 24.99 36.94
C THR B 113 8.95 25.27 37.22
N VAL B 114 8.55 25.23 38.48
CA VAL B 114 7.13 25.28 38.83
C VAL B 114 6.76 26.61 39.49
N SER B 115 5.65 27.21 39.03
CA SER B 115 5.13 28.47 39.55
C SER B 115 3.62 28.35 39.74
N ILE B 116 3.11 28.88 40.88
CA ILE B 116 1.67 28.85 41.18
C ILE B 116 1.15 30.29 41.29
N PHE B 117 -0.12 30.47 40.86
CA PHE B 117 -0.75 31.79 40.78
C PHE B 117 -2.19 31.71 41.30
N PRO B 118 -2.57 32.57 42.25
CA PRO B 118 -3.96 32.59 42.71
C PRO B 118 -4.86 33.21 41.66
N PRO B 119 -6.18 33.05 41.79
CA PRO B 119 -7.11 33.80 40.95
C PRO B 119 -6.88 35.30 41.07
N SER B 120 -7.05 36.00 39.94
CA SER B 120 -7.01 37.46 39.95
C SER B 120 -8.31 38.02 40.53
N SER B 121 -8.22 39.24 41.05
CA SER B 121 -9.44 39.89 41.50
C SER B 121 -10.40 40.13 40.34
N GLU B 122 -9.86 40.27 39.12
CA GLU B 122 -10.73 40.47 37.96
C GLU B 122 -11.61 39.26 37.71
N GLN B 123 -11.05 38.05 37.80
CA GLN B 123 -11.84 36.85 37.52
C GLN B 123 -12.90 36.61 38.59
N LEU B 124 -12.55 36.88 39.86
CA LEU B 124 -13.46 36.57 40.96
C LEU B 124 -14.82 37.25 40.81
N THR B 125 -14.86 38.40 40.13
CA THR B 125 -16.13 39.07 39.87
C THR B 125 -17.05 38.28 38.94
N SER B 126 -16.51 37.31 38.19
CA SER B 126 -17.31 36.55 37.25
C SER B 126 -17.90 35.29 37.85
N GLY B 127 -17.75 35.07 39.15
CA GLY B 127 -18.26 33.89 39.82
C GLY B 127 -17.38 32.66 39.72
N GLY B 128 -16.26 32.74 39.01
CA GLY B 128 -15.34 31.64 38.89
C GLY B 128 -13.99 31.98 39.50
N ALA B 129 -13.18 30.94 39.69
CA ALA B 129 -11.85 31.10 40.24
C ALA B 129 -10.94 30.04 39.63
N SER B 130 -9.92 30.48 38.90
CA SER B 130 -8.94 29.60 38.28
C SER B 130 -7.61 29.74 39.00
N VAL B 131 -7.07 28.62 39.44
CA VAL B 131 -5.75 28.55 40.07
C VAL B 131 -4.83 27.91 39.05
N VAL B 132 -3.71 28.57 38.75
CA VAL B 132 -2.87 28.22 37.61
C VAL B 132 -1.47 27.82 38.10
N CYS B 133 -0.98 26.70 37.58
CA CYS B 133 0.37 26.21 37.82
CA CYS B 133 0.39 26.27 37.81
C CYS B 133 1.08 26.06 36.48
N PHE B 134 2.23 26.72 36.31
CA PHE B 134 3.08 26.49 35.14
C PHE B 134 4.20 25.53 35.50
N LEU B 135 4.46 24.55 34.62
CA LEU B 135 5.56 23.61 34.78
C LEU B 135 6.42 23.75 33.53
N ASN B 136 7.52 24.49 33.61
CA ASN B 136 8.19 24.98 32.41
C ASN B 136 9.56 24.33 32.19
N ASN B 137 9.82 24.02 30.91
CA ASN B 137 11.13 23.65 30.36
C ASN B 137 11.65 22.34 30.96
N PHE B 138 10.88 21.28 30.81
CA PHE B 138 11.28 19.97 31.30
C PHE B 138 11.43 18.97 30.16
N TYR B 139 12.11 17.86 30.43
CA TYR B 139 12.23 16.78 29.47
C TYR B 139 12.50 15.48 30.22
N PRO B 140 11.85 14.35 29.84
CA PRO B 140 10.90 14.13 28.75
C PRO B 140 9.50 14.61 29.04
N LYS B 141 8.59 14.40 28.08
CA LYS B 141 7.27 15.02 28.12
C LYS B 141 6.40 14.50 29.27
N ASP B 142 6.60 13.25 29.67
CA ASP B 142 5.78 12.62 30.70
C ASP B 142 5.93 13.36 32.03
N ILE B 143 4.80 13.80 32.58
CA ILE B 143 4.81 14.50 33.85
C ILE B 143 3.43 14.35 34.48
N ASN B 144 3.39 14.37 35.82
CA ASN B 144 2.13 14.25 36.54
C ASN B 144 1.96 15.45 37.46
N VAL B 145 0.73 15.96 37.55
CA VAL B 145 0.41 17.06 38.44
C VAL B 145 -0.72 16.62 39.37
N LYS B 146 -0.58 16.93 40.65
CA LYS B 146 -1.59 16.65 41.66
C LYS B 146 -1.94 17.94 42.38
N TRP B 147 -3.23 18.27 42.42
CA TRP B 147 -3.73 19.42 43.17
C TRP B 147 -4.24 18.96 44.54
N LYS B 148 -3.96 19.78 45.55
CA LYS B 148 -4.51 19.59 46.88
C LYS B 148 -5.14 20.89 47.35
N ILE B 149 -6.31 20.78 47.98
CA ILE B 149 -7.02 21.90 48.56
C ILE B 149 -7.17 21.63 50.06
N ASP B 150 -6.50 22.44 50.88
CA ASP B 150 -6.46 22.21 52.32
C ASP B 150 -5.98 20.80 52.64
N GLY B 151 -4.99 20.33 51.87
CA GLY B 151 -4.37 19.05 52.13
C GLY B 151 -5.06 17.83 51.55
N SER B 152 -6.23 17.99 50.93
CA SER B 152 -6.96 16.87 50.37
C SER B 152 -6.87 16.92 48.85
N GLU B 153 -6.59 15.77 48.24
CA GLU B 153 -6.41 15.71 46.80
C GLU B 153 -7.67 16.15 46.06
N ARG B 154 -7.47 16.81 44.93
CA ARG B 154 -8.57 17.38 44.16
C ARG B 154 -8.40 17.00 42.69
N GLN B 155 -9.34 16.22 42.17
CA GLN B 155 -9.20 15.66 40.83
C GLN B 155 -10.11 16.29 39.79
N ASN B 156 -11.40 16.46 40.06
CA ASN B 156 -12.26 17.05 39.05
C ASN B 156 -12.08 18.56 39.01
N GLY B 157 -12.22 19.11 37.81
CA GLY B 157 -11.99 20.53 37.58
C GLY B 157 -10.60 20.90 37.11
N VAL B 158 -9.75 19.94 36.76
CA VAL B 158 -8.36 20.20 36.39
C VAL B 158 -8.22 20.02 34.88
N LEU B 159 -7.56 20.98 34.22
CA LEU B 159 -7.29 20.90 32.79
C LEU B 159 -5.81 21.18 32.56
N ASN B 160 -5.16 20.29 31.79
CA ASN B 160 -3.73 20.35 31.53
C ASN B 160 -3.48 20.53 30.03
N SER B 161 -2.48 21.33 29.69
CA SER B 161 -2.18 21.62 28.29
C SER B 161 -0.66 21.72 28.10
N TRP B 162 -0.12 20.87 27.22
CA TRP B 162 1.31 20.82 26.95
C TRP B 162 1.66 21.67 25.73
N THR B 163 2.83 22.31 25.77
CA THR B 163 3.31 22.94 24.55
C THR B 163 3.88 21.89 23.61
N ASP B 164 4.06 22.29 22.36
CA ASP B 164 4.89 21.54 21.45
C ASP B 164 6.35 21.69 21.89
N GLN B 165 7.15 20.70 21.50
CA GLN B 165 8.58 20.74 21.82
C GLN B 165 9.18 22.06 21.38
N ASP B 166 9.89 22.70 22.30
CA ASP B 166 10.45 24.02 22.06
C ASP B 166 11.54 23.95 20.99
N SER B 167 11.52 24.93 20.09
CA SER B 167 12.47 24.93 18.98
C SER B 167 13.89 25.26 19.43
N LYS B 168 14.05 25.98 20.55
CA LYS B 168 15.37 26.42 20.97
C LYS B 168 16.07 25.40 21.88
N ASP B 169 15.37 24.89 22.91
CA ASP B 169 16.01 23.97 23.84
C ASP B 169 15.41 22.57 23.85
N SER B 170 14.44 22.28 22.98
CA SER B 170 13.83 20.97 22.82
C SER B 170 13.09 20.49 24.07
N THR B 171 12.78 21.38 25.00
CA THR B 171 12.03 21.00 26.18
C THR B 171 10.53 21.13 25.94
N TYR B 172 9.76 20.68 26.93
CA TYR B 172 8.31 20.88 26.96
C TYR B 172 7.94 21.76 28.15
N SER B 173 6.75 22.37 28.06
CA SER B 173 6.14 23.05 29.20
C SER B 173 4.67 22.65 29.27
N MET B 174 4.07 22.85 30.44
CA MET B 174 2.66 22.48 30.62
C MET B 174 2.00 23.43 31.61
N SER B 175 0.78 23.83 31.29
CA SER B 175 -0.05 24.56 32.25
C SER B 175 -1.05 23.60 32.86
N SER B 176 -1.32 23.78 34.14
CA SER B 176 -2.36 23.05 34.86
C SER B 176 -3.26 24.06 35.54
N THR B 177 -4.56 24.00 35.26
CA THR B 177 -5.52 25.00 35.71
C THR B 177 -6.64 24.31 36.47
N LEU B 178 -6.78 24.65 37.75
CA LEU B 178 -7.87 24.16 38.60
C LEU B 178 -8.95 25.24 38.67
N THR B 179 -10.15 24.93 38.16
CA THR B 179 -11.23 25.90 38.12
C THR B 179 -12.34 25.47 39.07
N LEU B 180 -12.74 26.39 39.95
CA LEU B 180 -13.78 26.20 40.95
C LEU B 180 -14.74 27.37 40.86
N THR B 181 -15.93 27.21 41.47
CA THR B 181 -16.75 28.38 41.72
C THR B 181 -16.05 29.31 42.70
N LYS B 182 -16.29 30.61 42.56
CA LYS B 182 -15.75 31.58 43.50
C LYS B 182 -16.18 31.26 44.93
N ASP B 183 -17.41 30.78 45.11
CA ASP B 183 -17.91 30.47 46.44
C ASP B 183 -17.10 29.35 47.08
N GLU B 184 -16.79 28.29 46.32
CA GLU B 184 -15.98 27.21 46.88
C GLU B 184 -14.55 27.68 47.14
N TYR B 185 -13.99 28.48 46.23
CA TYR B 185 -12.61 28.94 46.40
C TYR B 185 -12.45 29.74 47.69
N GLU B 186 -13.39 30.64 47.97
CA GLU B 186 -13.28 31.51 49.14
C GLU B 186 -13.63 30.81 50.44
N ARG B 187 -13.93 29.50 50.41
CA ARG B 187 -14.19 28.75 51.62
C ARG B 187 -13.07 27.76 51.94
N HIS B 188 -11.95 27.84 51.23
CA HIS B 188 -10.76 27.07 51.55
C HIS B 188 -9.56 28.01 51.65
N ASN B 189 -8.51 27.52 52.32
CA ASN B 189 -7.33 28.33 52.60
C ASN B 189 -6.13 27.97 51.72
N SER B 190 -5.65 26.73 51.77
CA SER B 190 -4.37 26.39 51.15
C SER B 190 -4.58 25.67 49.82
N TYR B 191 -3.84 26.10 48.79
CA TYR B 191 -3.94 25.54 47.44
C TYR B 191 -2.54 25.13 47.00
N THR B 192 -2.41 23.89 46.53
CA THR B 192 -1.11 23.30 46.25
C THR B 192 -1.11 22.58 44.91
N CYS B 193 -0.07 22.76 44.12
CA CYS B 193 0.17 21.92 42.94
CA CYS B 193 0.16 21.91 42.96
C CYS B 193 1.50 21.21 43.13
N GLU B 194 1.52 19.91 42.88
CA GLU B 194 2.69 19.07 43.09
C GLU B 194 3.05 18.42 41.76
N ALA B 195 4.26 18.66 41.28
CA ALA B 195 4.75 18.12 40.01
C ALA B 195 5.68 16.94 40.25
N THR B 196 5.40 15.80 39.61
CA THR B 196 6.24 14.62 39.69
C THR B 196 6.77 14.32 38.30
N HIS B 197 8.09 14.19 38.19
CA HIS B 197 8.80 14.06 36.93
C HIS B 197 9.94 13.08 37.16
N LYS B 198 10.38 12.43 36.09
CA LYS B 198 11.35 11.35 36.31
C LYS B 198 12.69 11.86 36.82
N THR B 199 12.92 13.18 36.81
CA THR B 199 14.18 13.74 37.28
C THR B 199 14.33 13.73 38.80
N SER B 200 13.25 13.47 39.54
CA SER B 200 13.40 13.35 41.00
C SER B 200 12.28 12.49 41.56
N THR B 201 12.62 11.63 42.51
CA THR B 201 11.60 10.88 43.23
C THR B 201 10.75 11.77 44.12
N SER B 202 11.19 13.00 44.40
CA SER B 202 10.42 13.89 45.26
C SER B 202 9.63 14.89 44.43
N PRO B 203 8.34 15.05 44.68
CA PRO B 203 7.56 16.03 43.92
C PRO B 203 8.08 17.43 44.19
N ILE B 204 7.90 18.31 43.20
CA ILE B 204 8.09 19.74 43.38
C ILE B 204 6.76 20.33 43.81
N VAL B 205 6.74 21.02 44.94
CA VAL B 205 5.52 21.46 45.61
C VAL B 205 5.51 22.98 45.67
N LYS B 206 4.50 23.60 45.04
CA LYS B 206 4.27 25.03 45.17
C LYS B 206 2.88 25.27 45.74
N SER B 207 2.76 26.25 46.64
CA SER B 207 1.50 26.47 47.35
CA SER B 207 1.48 26.48 47.28
C SER B 207 1.33 27.94 47.67
N PHE B 208 0.10 28.33 47.97
CA PHE B 208 -0.20 29.62 48.57
C PHE B 208 -1.39 29.46 49.48
N ASN B 209 -1.48 30.33 50.49
CA ASN B 209 -2.54 30.31 51.47
C ASN B 209 -3.30 31.63 51.37
N ARG B 210 -4.63 31.55 51.32
CA ARG B 210 -5.43 32.74 51.07
C ARG B 210 -5.28 33.77 52.19
N ASN B 211 -5.36 33.34 53.44
CA ASN B 211 -5.36 34.25 54.57
C ASN B 211 -4.03 34.24 55.33
N GLU B 212 -2.93 34.08 54.60
CA GLU B 212 -1.63 34.20 55.25
C GLU B 212 -1.09 35.62 55.21
N CYS B 213 -1.14 36.27 54.05
CA CYS B 213 -0.71 37.66 53.95
C CYS B 213 -1.64 38.46 53.03
N ASP C 1 10.52 -41.02 5.39
CA ASP C 1 10.80 -39.81 4.64
C ASP C 1 9.84 -38.68 5.00
N VAL C 2 10.32 -37.45 4.89
CA VAL C 2 9.52 -36.29 5.22
C VAL C 2 8.41 -36.10 4.19
N GLN C 3 7.19 -35.83 4.67
CA GLN C 3 6.05 -35.65 3.78
C GLN C 3 5.14 -34.57 4.36
N LEU C 4 4.69 -33.65 3.47
CA LEU C 4 3.80 -32.56 3.81
C LEU C 4 2.63 -32.60 2.83
N VAL C 5 1.39 -32.61 3.35
CA VAL C 5 0.20 -32.76 2.51
C VAL C 5 -0.80 -31.66 2.86
N GLU C 6 -1.02 -30.73 1.92
CA GLU C 6 -1.97 -29.66 2.14
C GLU C 6 -3.39 -30.07 1.73
N SER C 7 -4.37 -29.46 2.39
CA SER C 7 -5.77 -29.66 2.07
CA SER C 7 -5.78 -29.67 2.08
C SER C 7 -6.54 -28.40 2.44
N GLY C 8 -7.79 -28.34 1.96
CA GLY C 8 -8.68 -27.24 2.30
C GLY C 8 -8.93 -26.24 1.20
N GLY C 9 -8.24 -26.34 0.07
CA GLY C 9 -8.44 -25.39 -1.02
C GLY C 9 -9.81 -25.54 -1.66
N GLY C 10 -10.09 -24.64 -2.59
CA GLY C 10 -11.37 -24.64 -3.28
C GLY C 10 -11.77 -23.25 -3.74
N LEU C 11 -13.03 -23.13 -4.13
CA LEU C 11 -13.57 -21.88 -4.67
C LEU C 11 -14.13 -21.02 -3.55
N VAL C 12 -13.74 -19.75 -3.54
CA VAL C 12 -14.15 -18.81 -2.49
C VAL C 12 -14.75 -17.57 -3.13
N GLN C 13 -15.85 -17.07 -2.56
CA GLN C 13 -16.41 -15.81 -3.01
C GLN C 13 -15.52 -14.66 -2.55
N PRO C 14 -15.43 -13.58 -3.34
CA PRO C 14 -14.68 -12.40 -2.90
C PRO C 14 -15.21 -11.92 -1.55
N GLY C 15 -14.29 -11.58 -0.66
CA GLY C 15 -14.61 -11.21 0.70
C GLY C 15 -14.65 -12.37 1.67
N GLY C 16 -14.65 -13.61 1.18
CA GLY C 16 -14.87 -14.77 2.02
C GLY C 16 -13.63 -15.24 2.76
N SER C 17 -13.81 -16.37 3.46
CA SER C 17 -12.77 -16.97 4.28
C SER C 17 -12.56 -18.42 3.87
N ARG C 18 -11.39 -18.95 4.21
CA ARG C 18 -11.06 -20.35 3.96
C ARG C 18 -9.94 -20.76 4.91
N LYS C 19 -10.02 -21.97 5.46
CA LYS C 19 -8.96 -22.46 6.35
C LYS C 19 -8.25 -23.63 5.68
N LEU C 20 -6.93 -23.50 5.52
CA LEU C 20 -6.06 -24.52 4.94
C LEU C 20 -5.36 -25.32 6.03
N SER C 21 -5.10 -26.61 5.75
CA SER C 21 -4.39 -27.48 6.66
CA SER C 21 -4.35 -27.43 6.68
C SER C 21 -3.17 -28.07 5.97
N CYS C 22 -2.16 -28.43 6.75
CA CYS C 22 -0.98 -29.10 6.22
C CYS C 22 -0.61 -30.20 7.19
N ALA C 23 -0.65 -31.45 6.74
CA ALA C 23 -0.33 -32.58 7.59
C ALA C 23 1.12 -33.01 7.41
N ALA C 24 1.86 -33.11 8.52
CA ALA C 24 3.27 -33.46 8.50
C ALA C 24 3.50 -34.90 8.94
N SER C 25 4.46 -35.59 8.30
CA SER C 25 4.88 -36.91 8.74
C SER C 25 6.35 -37.13 8.42
N GLY C 26 6.97 -38.07 9.11
CA GLY C 26 8.35 -38.44 8.85
C GLY C 26 9.42 -37.57 9.51
N PHE C 27 9.03 -36.67 10.39
CA PHE C 27 9.98 -35.91 11.21
C PHE C 27 9.26 -35.46 12.48
N THR C 28 10.04 -34.96 13.45
CA THR C 28 9.47 -34.47 14.71
C THR C 28 8.94 -33.08 14.44
N PHE C 29 7.64 -32.99 14.12
CA PHE C 29 7.03 -31.73 13.69
C PHE C 29 7.22 -30.63 14.71
N SER C 30 7.10 -30.95 16.00
CA SER C 30 7.21 -29.94 17.04
C SER C 30 8.61 -29.34 17.16
N GLY C 31 9.59 -29.87 16.45
CA GLY C 31 10.92 -29.33 16.55
C GLY C 31 11.30 -28.30 15.51
N PHE C 32 10.40 -27.99 14.57
CA PHE C 32 10.76 -27.18 13.39
C PHE C 32 9.80 -26.04 13.12
N GLY C 33 10.36 -24.89 12.78
CA GLY C 33 9.54 -23.83 12.23
C GLY C 33 8.95 -24.22 10.89
N MET C 34 7.83 -23.58 10.54
CA MET C 34 7.07 -23.91 9.35
C MET C 34 6.63 -22.66 8.61
N HIS C 35 6.47 -22.79 7.29
CA HIS C 35 6.10 -21.66 6.43
C HIS C 35 4.92 -21.99 5.52
N TRP C 36 4.21 -20.95 5.09
CA TRP C 36 3.36 -21.03 3.91
C TRP C 36 3.96 -20.15 2.81
N VAL C 37 3.89 -20.63 1.55
CA VAL C 37 4.40 -19.94 0.37
C VAL C 37 3.33 -20.11 -0.70
N ARG C 38 3.06 -19.07 -1.50
CA ARG C 38 2.01 -19.25 -2.49
C ARG C 38 2.48 -18.84 -3.89
N GLN C 39 1.70 -19.25 -4.89
CA GLN C 39 2.06 -19.00 -6.28
C GLN C 39 0.80 -18.73 -7.08
N ALA C 40 0.62 -17.49 -7.55
CA ALA C 40 -0.53 -17.20 -8.36
C ALA C 40 -0.40 -17.88 -9.72
N PRO C 41 -1.51 -18.13 -10.41
CA PRO C 41 -1.44 -18.84 -11.70
C PRO C 41 -0.49 -18.18 -12.68
N GLU C 42 0.43 -18.97 -13.21
CA GLU C 42 1.43 -18.54 -14.20
C GLU C 42 2.38 -17.46 -13.68
N LYS C 43 2.51 -17.30 -12.37
CA LYS C 43 3.39 -16.29 -11.77
C LYS C 43 4.42 -16.96 -10.86
N GLY C 44 5.15 -16.14 -10.10
CA GLY C 44 6.25 -16.62 -9.28
C GLY C 44 5.85 -16.96 -7.87
N LEU C 45 6.86 -17.29 -7.06
CA LEU C 45 6.66 -17.66 -5.67
C LEU C 45 6.60 -16.41 -4.80
N GLU C 46 5.76 -16.45 -3.78
CA GLU C 46 5.62 -15.36 -2.80
C GLU C 46 5.49 -15.96 -1.41
N TRP C 47 6.40 -15.60 -0.50
CA TRP C 47 6.29 -16.13 0.85
C TRP C 47 5.16 -15.43 1.62
N VAL C 48 4.42 -16.21 2.43
CA VAL C 48 3.16 -15.76 3.06
C VAL C 48 3.31 -15.63 4.59
N ALA C 49 3.78 -16.67 5.27
CA ALA C 49 3.80 -16.62 6.73
C ALA C 49 4.75 -17.66 7.30
N TYR C 50 5.24 -17.39 8.52
CA TYR C 50 6.14 -18.26 9.27
C TYR C 50 5.63 -18.45 10.70
N ILE C 51 5.77 -19.66 11.25
CA ILE C 51 5.56 -19.87 12.68
C ILE C 51 6.68 -20.74 13.23
N SER C 52 7.29 -20.32 14.34
CA SER C 52 8.38 -21.07 14.95
C SER C 52 7.86 -22.39 15.54
N SER C 53 8.81 -23.21 16.00
CA SER C 53 8.50 -24.57 16.41
C SER C 53 7.43 -24.61 17.50
N GLY C 54 7.50 -23.71 18.48
CA GLY C 54 6.53 -23.69 19.56
C GLY C 54 5.55 -22.53 19.54
N SER C 55 5.35 -21.95 18.36
CA SER C 55 4.40 -20.87 18.09
C SER C 55 4.79 -19.53 18.73
N SER C 56 5.98 -19.43 19.34
CA SER C 56 6.33 -18.19 20.04
C SER C 56 6.58 -17.03 19.10
N LEU C 57 7.08 -17.29 17.88
CA LEU C 57 7.44 -16.24 16.93
C LEU C 57 6.67 -16.44 15.63
N ILE C 58 5.97 -15.40 15.15
CA ILE C 58 5.20 -15.47 13.91
C ILE C 58 5.53 -14.25 13.06
N TYR C 59 5.67 -14.46 11.75
CA TYR C 59 5.85 -13.37 10.80
C TYR C 59 4.88 -13.53 9.63
N TYR C 60 4.42 -12.40 9.09
CA TYR C 60 3.54 -12.40 7.93
C TYR C 60 4.13 -11.50 6.84
N ALA C 61 3.85 -11.85 5.58
CA ALA C 61 4.03 -10.90 4.49
C ALA C 61 3.09 -9.70 4.68
N ASP C 62 3.60 -8.50 4.38
CA ASP C 62 2.78 -7.31 4.65
C ASP C 62 1.44 -7.36 3.93
N THR C 63 1.38 -8.04 2.77
CA THR C 63 0.17 -8.07 1.97
C THR C 63 -0.93 -8.98 2.53
N VAL C 64 -0.64 -9.83 3.52
CA VAL C 64 -1.66 -10.64 4.17
C VAL C 64 -1.83 -10.30 5.65
N LYS C 65 -1.01 -9.39 6.19
CA LYS C 65 -1.09 -9.06 7.60
C LYS C 65 -2.46 -8.49 7.95
N GLY C 66 -3.00 -8.91 9.10
CA GLY C 66 -4.31 -8.48 9.52
C GLY C 66 -5.46 -9.30 8.97
N ARG C 67 -5.23 -10.09 7.93
CA ARG C 67 -6.25 -10.94 7.32
C ARG C 67 -5.99 -12.43 7.54
N PHE C 68 -4.74 -12.86 7.50
CA PHE C 68 -4.40 -14.28 7.62
C PHE C 68 -3.87 -14.60 9.01
N THR C 69 -4.14 -15.82 9.49
CA THR C 69 -3.60 -16.28 10.77
C THR C 69 -2.95 -17.64 10.60
N ILE C 70 -1.67 -17.75 10.94
CA ILE C 70 -0.98 -19.04 10.93
C ILE C 70 -1.01 -19.63 12.33
N SER C 71 -1.19 -20.95 12.44
CA SER C 71 -1.22 -21.63 13.72
C SER C 71 -0.84 -23.09 13.52
N ARG C 72 -0.60 -23.80 14.63
CA ARG C 72 -0.19 -25.21 14.55
C ARG C 72 -0.69 -25.99 15.75
N ASP C 73 -0.83 -27.30 15.54
CA ASP C 73 -1.23 -28.27 16.56
C ASP C 73 -0.10 -29.29 16.62
N ASN C 74 0.84 -29.09 17.56
CA ASN C 74 2.03 -29.93 17.55
C ASN C 74 1.73 -31.39 17.86
N PRO C 75 0.93 -31.73 18.88
CA PRO C 75 0.67 -33.16 19.14
C PRO C 75 0.00 -33.90 17.97
N LYS C 76 -0.72 -33.19 17.10
CA LYS C 76 -1.44 -33.80 15.99
C LYS C 76 -0.83 -33.44 14.64
N ASN C 77 0.41 -32.95 14.62
CA ASN C 77 1.21 -32.89 13.38
C ASN C 77 0.56 -32.05 12.28
N THR C 78 -0.04 -30.92 12.64
CA THR C 78 -0.79 -30.14 11.64
C THR C 78 -0.45 -28.67 11.73
N LEU C 79 -0.21 -28.07 10.57
CA LEU C 79 -0.06 -26.63 10.38
C LEU C 79 -1.34 -26.08 9.75
N PHE C 80 -1.76 -24.87 10.17
CA PHE C 80 -2.98 -24.27 9.63
C PHE C 80 -2.67 -22.89 9.04
N LEU C 81 -3.51 -22.45 8.09
CA LEU C 81 -3.53 -21.06 7.64
C LEU C 81 -4.99 -20.65 7.50
N GLN C 82 -5.44 -19.74 8.35
CA GLN C 82 -6.80 -19.20 8.22
C GLN C 82 -6.70 -17.93 7.39
N MET C 83 -7.50 -17.87 6.32
CA MET C 83 -7.57 -16.72 5.44
C MET C 83 -8.94 -16.05 5.57
N THR C 84 -8.96 -14.72 5.54
CA THR C 84 -10.22 -13.97 5.64
C THR C 84 -10.14 -12.78 4.70
N SER C 85 -11.30 -12.19 4.42
CA SER C 85 -11.40 -11.03 3.53
C SER C 85 -10.62 -11.26 2.22
N LEU C 86 -10.87 -12.42 1.61
CA LEU C 86 -10.07 -12.82 0.46
C LEU C 86 -10.39 -11.98 -0.78
N ARG C 87 -9.38 -11.81 -1.64
CA ARG C 87 -9.50 -11.01 -2.86
C ARG C 87 -9.02 -11.79 -4.07
N SER C 88 -9.36 -11.28 -5.25
CA SER C 88 -8.95 -11.93 -6.50
C SER C 88 -7.46 -12.22 -6.53
N GLU C 89 -6.65 -11.30 -6.03
CA GLU C 89 -5.20 -11.45 -6.12
C GLU C 89 -4.62 -12.41 -5.10
N ASP C 90 -5.46 -12.96 -4.20
CA ASP C 90 -5.09 -14.06 -3.32
C ASP C 90 -5.27 -15.44 -3.96
N THR C 91 -5.81 -15.48 -5.18
CA THR C 91 -5.91 -16.73 -5.93
C THR C 91 -4.52 -17.28 -6.18
N ALA C 92 -4.28 -18.53 -5.75
CA ALA C 92 -2.94 -19.06 -5.81
C ALA C 92 -2.97 -20.51 -5.36
N MET C 93 -1.94 -21.23 -5.76
CA MET C 93 -1.59 -22.50 -5.13
C MET C 93 -0.85 -22.17 -3.82
N TYR C 94 -1.33 -22.75 -2.72
CA TYR C 94 -0.74 -22.53 -1.39
C TYR C 94 0.07 -23.76 -0.98
N PHE C 95 1.37 -23.54 -0.71
CA PHE C 95 2.29 -24.60 -0.28
C PHE C 95 2.67 -24.42 1.18
N CYS C 96 2.81 -25.53 1.92
CA CYS C 96 3.54 -25.46 3.18
C CYS C 96 4.96 -26.01 2.96
N ALA C 97 5.89 -25.52 3.78
CA ALA C 97 7.29 -25.80 3.59
C ALA C 97 8.01 -25.71 4.93
N THR C 98 9.16 -26.40 5.01
CA THR C 98 10.03 -26.31 6.19
C THR C 98 11.47 -26.48 5.74
N SER C 99 12.41 -26.10 6.62
CA SER C 99 13.83 -26.13 6.34
CA SER C 99 13.83 -26.13 6.35
C SER C 99 14.48 -27.37 6.98
N LEU C 100 15.78 -27.50 6.76
CA LEU C 100 16.57 -28.55 7.39
C LEU C 100 16.60 -28.40 8.92
N TYR C 101 16.79 -27.17 9.40
CA TYR C 101 17.06 -26.90 10.80
C TYR C 101 15.87 -26.22 11.47
N TYR C 102 15.98 -26.07 12.79
CA TYR C 102 14.97 -25.51 13.67
C TYR C 102 14.19 -24.34 13.06
N GLY C 103 14.84 -23.19 12.92
CA GLY C 103 14.15 -22.02 12.42
C GLY C 103 14.86 -21.32 11.29
N THR C 104 15.28 -22.06 10.30
CA THR C 104 16.05 -21.35 9.29
C THR C 104 15.14 -20.89 8.15
N PRO C 105 15.47 -19.75 7.56
CA PRO C 105 14.54 -19.07 6.62
C PRO C 105 14.72 -19.54 5.17
N TRP C 106 14.42 -20.81 4.91
CA TRP C 106 14.48 -21.33 3.56
C TRP C 106 13.73 -22.66 3.53
N PHE C 107 13.46 -23.16 2.32
CA PHE C 107 12.43 -24.18 2.10
C PHE C 107 13.01 -25.46 1.51
N ALA C 108 13.37 -26.41 2.38
CA ALA C 108 14.01 -27.64 1.94
C ALA C 108 13.01 -28.73 1.58
N TYR C 109 11.86 -28.75 2.24
CA TYR C 109 10.78 -29.67 1.94
C TYR C 109 9.50 -28.91 1.67
N TRP C 110 8.72 -29.37 0.68
CA TRP C 110 7.52 -28.70 0.19
C TRP C 110 6.39 -29.72 0.07
N GLY C 111 5.16 -29.30 0.38
CA GLY C 111 4.00 -30.10 0.04
C GLY C 111 3.70 -30.01 -1.45
N GLN C 112 2.58 -30.62 -1.84
CA GLN C 112 2.17 -30.63 -3.24
C GLN C 112 1.31 -29.42 -3.61
N GLY C 113 0.80 -28.70 -2.62
CA GLY C 113 0.01 -27.49 -2.83
C GLY C 113 -1.48 -27.77 -2.80
N THR C 114 -2.26 -26.78 -2.34
CA THR C 114 -3.72 -26.81 -2.46
C THR C 114 -4.18 -25.49 -3.08
N LEU C 115 -5.09 -25.58 -4.05
CA LEU C 115 -5.44 -24.42 -4.86
C LEU C 115 -6.64 -23.67 -4.27
N VAL C 116 -6.49 -22.36 -4.10
CA VAL C 116 -7.56 -21.49 -3.64
C VAL C 116 -7.89 -20.52 -4.79
N THR C 117 -9.15 -20.51 -5.23
CA THR C 117 -9.60 -19.65 -6.32
C THR C 117 -10.65 -18.67 -5.81
N VAL C 118 -10.39 -17.38 -5.91
CA VAL C 118 -11.29 -16.35 -5.40
C VAL C 118 -11.96 -15.69 -6.60
N SER C 119 -13.28 -15.90 -6.72
CA SER C 119 -14.06 -15.37 -7.83
C SER C 119 -15.55 -15.46 -7.53
N ALA C 120 -16.30 -14.48 -8.02
CA ALA C 120 -17.75 -14.47 -7.94
C ALA C 120 -18.42 -15.19 -9.12
N ALA C 121 -17.63 -15.69 -10.07
CA ALA C 121 -18.20 -16.41 -11.20
C ALA C 121 -18.94 -17.65 -10.73
N LYS C 122 -20.01 -17.98 -11.43
CA LYS C 122 -20.80 -19.17 -11.14
C LYS C 122 -20.24 -20.36 -11.92
N THR C 123 -20.20 -21.51 -11.26
CA THR C 123 -19.76 -22.72 -11.92
C THR C 123 -20.62 -22.97 -13.15
N THR C 124 -19.97 -23.08 -14.32
CA THR C 124 -20.65 -23.15 -15.62
C THR C 124 -19.97 -24.18 -16.50
N PRO C 125 -20.72 -25.12 -17.08
CA PRO C 125 -20.11 -26.11 -17.95
C PRO C 125 -19.79 -25.51 -19.31
N PRO C 126 -18.80 -26.06 -20.03
CA PRO C 126 -18.40 -25.46 -21.30
C PRO C 126 -19.36 -25.82 -22.43
N SER C 127 -19.40 -24.94 -23.43
CA SER C 127 -19.90 -25.28 -24.76
C SER C 127 -18.74 -25.84 -25.57
N VAL C 128 -18.94 -26.97 -26.22
CA VAL C 128 -17.87 -27.65 -26.95
C VAL C 128 -18.19 -27.61 -28.44
N TYR C 129 -17.29 -27.02 -29.23
CA TYR C 129 -17.52 -26.87 -30.66
C TYR C 129 -16.44 -27.56 -31.47
N PRO C 130 -16.80 -28.31 -32.50
CA PRO C 130 -15.79 -28.98 -33.33
C PRO C 130 -15.11 -28.00 -34.28
N LEU C 131 -13.81 -28.20 -34.49
CA LEU C 131 -13.06 -27.38 -35.46
C LEU C 131 -12.66 -28.30 -36.59
N ALA C 132 -13.47 -28.32 -37.65
CA ALA C 132 -13.20 -29.12 -38.83
C ALA C 132 -12.83 -28.21 -40.00
N PRO C 133 -11.98 -28.66 -40.91
CA PRO C 133 -11.65 -27.83 -42.08
C PRO C 133 -12.90 -27.47 -42.88
N GLY C 134 -12.83 -26.33 -43.54
CA GLY C 134 -13.84 -25.99 -44.52
C GLY C 134 -13.76 -26.90 -45.73
N CYS C 135 -14.75 -26.75 -46.60
CA CYS C 135 -14.79 -27.56 -47.81
C CYS C 135 -13.58 -27.29 -48.67
N GLY C 136 -13.16 -28.31 -49.40
CA GLY C 136 -12.05 -28.21 -50.32
C GLY C 136 -11.19 -29.45 -50.25
N ASP C 137 -10.40 -29.66 -51.30
CA ASP C 137 -9.47 -30.77 -51.32
C ASP C 137 -8.30 -30.49 -50.38
N THR C 138 -7.66 -31.57 -49.92
CA THR C 138 -6.52 -31.47 -49.03
C THR C 138 -5.40 -32.35 -49.56
N THR C 139 -4.17 -32.00 -49.16
CA THR C 139 -2.98 -32.76 -49.52
C THR C 139 -2.14 -32.92 -48.27
N GLY C 140 -1.05 -33.66 -48.39
CA GLY C 140 -0.17 -33.92 -47.26
C GLY C 140 -0.55 -35.17 -46.51
N SER C 141 0.43 -35.72 -45.80
CA SER C 141 0.23 -36.97 -45.09
C SER C 141 -0.51 -36.80 -43.78
N SER C 142 -0.97 -35.61 -43.42
CA SER C 142 -1.64 -35.42 -42.15
C SER C 142 -2.68 -34.31 -42.24
N VAL C 143 -3.64 -34.36 -41.32
CA VAL C 143 -4.72 -33.38 -41.23
C VAL C 143 -4.90 -32.99 -39.77
N THR C 144 -5.15 -31.70 -39.52
CA THR C 144 -5.30 -31.19 -38.16
C THR C 144 -6.75 -30.84 -37.91
N LEU C 145 -7.22 -31.20 -36.71
CA LEU C 145 -8.58 -30.95 -36.25
C LEU C 145 -8.51 -30.31 -34.87
N GLY C 146 -9.65 -29.82 -34.40
CA GLY C 146 -9.65 -29.20 -33.09
C GLY C 146 -11.00 -29.24 -32.41
N CYS C 147 -11.00 -28.81 -31.15
CA CYS C 147 -12.23 -28.58 -30.40
C CYS C 147 -12.06 -27.28 -29.62
N LEU C 148 -13.08 -26.45 -29.69
CA LEU C 148 -13.12 -25.18 -28.98
C LEU C 148 -14.02 -25.33 -27.77
N VAL C 149 -13.51 -24.97 -26.60
CA VAL C 149 -14.14 -25.30 -25.32
C VAL C 149 -14.36 -23.97 -24.62
N LYS C 150 -15.61 -23.48 -24.62
CA LYS C 150 -15.88 -22.06 -24.42
C LYS C 150 -16.85 -21.80 -23.27
N GLY C 151 -16.54 -20.79 -22.48
CA GLY C 151 -17.46 -20.25 -21.50
C GLY C 151 -17.69 -21.07 -20.25
N TYR C 152 -16.63 -21.66 -19.69
CA TYR C 152 -16.77 -22.51 -18.51
C TYR C 152 -16.13 -21.87 -17.29
N PHE C 153 -16.51 -22.38 -16.11
CA PHE C 153 -15.89 -21.97 -14.86
C PHE C 153 -16.21 -23.05 -13.84
N PRO C 154 -15.24 -23.43 -12.97
CA PRO C 154 -13.85 -22.98 -12.89
C PRO C 154 -12.89 -23.70 -13.83
N GLU C 155 -11.61 -23.37 -13.74
CA GLU C 155 -10.62 -23.68 -14.78
C GLU C 155 -10.59 -25.16 -15.17
N SER C 156 -10.50 -26.05 -14.19
CA SER C 156 -10.23 -27.48 -14.45
C SER C 156 -11.03 -28.09 -15.60
N VAL C 157 -10.37 -28.33 -16.74
CA VAL C 157 -11.00 -29.05 -17.85
C VAL C 157 -9.96 -29.95 -18.51
N THR C 158 -10.37 -31.15 -18.93
CA THR C 158 -9.51 -32.10 -19.61
C THR C 158 -10.12 -32.50 -20.95
N VAL C 159 -9.35 -32.37 -22.03
CA VAL C 159 -9.78 -32.78 -23.37
C VAL C 159 -8.93 -33.98 -23.78
N THR C 160 -9.59 -35.06 -24.17
CA THR C 160 -8.93 -36.27 -24.61
C THR C 160 -9.43 -36.62 -26.01
N TRP C 161 -8.51 -37.03 -26.88
CA TRP C 161 -8.83 -37.32 -28.27
C TRP C 161 -8.87 -38.81 -28.50
N ASN C 162 -9.83 -39.25 -29.30
CA ASN C 162 -9.87 -40.61 -29.82
C ASN C 162 -9.65 -40.54 -31.33
N SER C 163 -8.62 -41.25 -31.81
CA SER C 163 -8.26 -41.21 -33.23
C SER C 163 -7.78 -42.58 -33.66
N GLY C 164 -7.43 -42.70 -34.94
CA GLY C 164 -7.03 -43.98 -35.50
C GLY C 164 -5.53 -44.17 -35.68
N SER C 165 -4.71 -43.47 -34.90
CA SER C 165 -3.28 -43.66 -34.99
C SER C 165 -2.62 -43.31 -33.67
N LEU C 166 -1.68 -44.17 -33.24
CA LEU C 166 -0.89 -43.88 -32.05
C LEU C 166 0.05 -42.71 -32.27
N SER C 167 0.35 -42.39 -33.52
CA SER C 167 1.24 -41.29 -33.89
C SER C 167 0.62 -39.92 -33.72
N SER C 168 -0.68 -39.87 -33.38
CA SER C 168 -1.39 -38.59 -33.34
C SER C 168 -0.80 -37.65 -32.30
N SER C 169 -0.62 -36.39 -32.69
CA SER C 169 -0.01 -35.36 -31.86
C SER C 169 -1.09 -34.43 -31.35
N VAL C 170 -1.11 -34.19 -30.04
CA VAL C 170 -2.11 -33.35 -29.40
C VAL C 170 -1.44 -32.11 -28.83
N HIS C 171 -2.07 -30.95 -29.03
CA HIS C 171 -1.67 -29.72 -28.36
C HIS C 171 -2.83 -29.23 -27.51
N THR C 172 -2.53 -28.85 -26.27
CA THR C 172 -3.53 -28.28 -25.36
C THR C 172 -3.19 -26.82 -25.13
N PHE C 173 -4.10 -25.91 -25.52
CA PHE C 173 -3.76 -24.49 -25.41
C PHE C 173 -4.27 -23.92 -24.10
N PRO C 174 -3.46 -23.15 -23.39
CA PRO C 174 -3.86 -22.66 -22.07
C PRO C 174 -5.09 -21.76 -22.14
N ALA C 175 -5.95 -21.90 -21.13
CA ALA C 175 -7.23 -21.19 -21.13
C ALA C 175 -7.03 -19.71 -20.87
N LEU C 176 -7.84 -18.89 -21.53
CA LEU C 176 -7.88 -17.45 -21.29
C LEU C 176 -9.19 -17.08 -20.63
N LEU C 177 -9.11 -16.10 -19.73
CA LEU C 177 -10.26 -15.68 -18.93
C LEU C 177 -10.94 -14.49 -19.57
N GLN C 178 -12.27 -14.54 -19.65
CA GLN C 178 -13.06 -13.43 -20.17
C GLN C 178 -14.37 -13.36 -19.41
N SER C 179 -14.73 -12.17 -18.94
CA SER C 179 -16.00 -11.92 -18.26
C SER C 179 -16.30 -12.97 -17.19
N GLY C 180 -15.25 -13.42 -16.51
CA GLY C 180 -15.39 -14.43 -15.49
C GLY C 180 -15.38 -15.85 -15.97
N LEU C 181 -15.33 -16.09 -17.28
CA LEU C 181 -15.41 -17.42 -17.86
C LEU C 181 -14.16 -17.73 -18.69
N TYR C 182 -13.85 -19.02 -18.80
CA TYR C 182 -12.66 -19.48 -19.49
C TYR C 182 -13.00 -20.02 -20.87
N THR C 183 -12.02 -19.89 -21.78
CA THR C 183 -12.09 -20.53 -23.09
C THR C 183 -10.73 -21.14 -23.40
N MET C 184 -10.74 -22.39 -23.87
CA MET C 184 -9.51 -23.02 -24.34
C MET C 184 -9.80 -23.75 -25.64
N SER C 185 -8.75 -24.25 -26.27
CA SER C 185 -8.90 -25.13 -27.42
C SER C 185 -7.85 -26.22 -27.36
N SER C 186 -8.07 -27.25 -28.17
CA SER C 186 -7.16 -28.38 -28.27
C SER C 186 -7.12 -28.79 -29.73
N SER C 187 -5.95 -29.11 -30.25
CA SER C 187 -5.82 -29.62 -31.60
C SER C 187 -5.27 -31.03 -31.57
N VAL C 188 -5.59 -31.77 -32.64
CA VAL C 188 -5.02 -33.10 -32.86
C VAL C 188 -4.59 -33.16 -34.32
N THR C 189 -3.46 -33.81 -34.58
CA THR C 189 -2.94 -33.97 -35.93
C THR C 189 -2.77 -35.46 -36.17
N VAL C 190 -3.43 -35.97 -37.21
CA VAL C 190 -3.49 -37.40 -37.47
C VAL C 190 -3.11 -37.63 -38.94
N PRO C 191 -2.68 -38.83 -39.28
CA PRO C 191 -2.43 -39.12 -40.70
C PRO C 191 -3.71 -38.98 -41.50
N SER C 192 -3.59 -38.42 -42.70
CA SER C 192 -4.77 -38.13 -43.51
C SER C 192 -5.46 -39.39 -44.02
N SER C 193 -4.85 -40.56 -43.86
CA SER C 193 -5.52 -41.80 -44.22
C SER C 193 -6.50 -42.27 -43.16
N THR C 194 -6.53 -41.63 -41.99
CA THR C 194 -7.40 -42.03 -40.89
C THR C 194 -8.57 -41.08 -40.65
N TRP C 195 -8.69 -39.98 -41.41
CA TRP C 195 -9.84 -39.08 -41.25
C TRP C 195 -10.09 -38.42 -42.60
N PRO C 196 -11.34 -38.35 -43.06
CA PRO C 196 -12.57 -38.77 -42.36
C PRO C 196 -12.90 -40.26 -42.46
N SER C 197 -11.93 -41.09 -42.85
CA SER C 197 -12.22 -42.51 -43.03
C SER C 197 -12.42 -43.23 -41.69
N GLN C 198 -11.73 -42.79 -40.65
CA GLN C 198 -11.94 -43.29 -39.30
C GLN C 198 -12.43 -42.17 -38.40
N THR C 199 -13.16 -42.54 -37.35
CA THR C 199 -13.79 -41.56 -36.48
C THR C 199 -12.76 -40.83 -35.63
N VAL C 200 -12.97 -39.53 -35.46
CA VAL C 200 -12.20 -38.73 -34.51
C VAL C 200 -13.20 -37.98 -33.63
N THR C 201 -13.03 -38.09 -32.31
CA THR C 201 -13.88 -37.40 -31.36
C THR C 201 -13.02 -36.79 -30.27
N CYS C 202 -13.43 -35.62 -29.80
CA CYS C 202 -12.84 -35.03 -28.60
C CYS C 202 -13.81 -35.23 -27.44
N SER C 203 -13.28 -35.60 -26.28
CA SER C 203 -14.07 -35.80 -25.07
C SER C 203 -13.62 -34.79 -24.03
N VAL C 204 -14.55 -33.95 -23.59
CA VAL C 204 -14.26 -32.80 -22.75
C VAL C 204 -14.95 -33.03 -21.41
N ALA C 205 -14.16 -33.23 -20.36
CA ALA C 205 -14.67 -33.43 -19.01
C ALA C 205 -14.45 -32.15 -18.21
N HIS C 206 -15.50 -31.71 -17.51
CA HIS C 206 -15.44 -30.55 -16.63
C HIS C 206 -15.86 -31.02 -15.25
N PRO C 207 -14.91 -31.49 -14.44
CA PRO C 207 -15.29 -32.15 -13.16
C PRO C 207 -16.11 -31.28 -12.24
N ALA C 208 -15.85 -29.97 -12.20
CA ALA C 208 -16.56 -29.11 -11.27
C ALA C 208 -18.06 -29.05 -11.53
N SER C 209 -18.49 -29.33 -12.77
CA SER C 209 -19.91 -29.44 -13.08
C SER C 209 -20.34 -30.88 -13.32
N SER C 210 -19.43 -31.84 -13.10
CA SER C 210 -19.68 -33.25 -13.37
C SER C 210 -20.36 -33.45 -14.73
N THR C 211 -19.75 -32.87 -15.76
CA THR C 211 -20.20 -33.01 -17.13
C THR C 211 -19.08 -33.53 -18.01
N THR C 212 -19.45 -34.34 -19.00
CA THR C 212 -18.53 -34.79 -20.04
C THR C 212 -19.26 -34.73 -21.36
N VAL C 213 -18.62 -34.15 -22.37
CA VAL C 213 -19.21 -33.96 -23.69
C VAL C 213 -18.27 -34.55 -24.73
N ASP C 214 -18.83 -35.37 -25.63
CA ASP C 214 -18.09 -35.93 -26.77
C ASP C 214 -18.58 -35.27 -28.05
N LYS C 215 -17.66 -34.77 -28.86
CA LYS C 215 -17.98 -34.17 -30.15
C LYS C 215 -17.24 -34.93 -31.25
N LYS C 216 -17.99 -35.51 -32.18
CA LYS C 216 -17.40 -36.14 -33.34
C LYS C 216 -17.01 -35.09 -34.35
N LEU C 217 -15.83 -35.26 -34.96
CA LEU C 217 -15.37 -34.35 -35.99
C LEU C 217 -15.88 -34.86 -37.33
N GLU C 218 -16.71 -34.05 -37.99
CA GLU C 218 -17.32 -34.42 -39.26
C GLU C 218 -16.74 -33.61 -40.40
N PRO C 219 -16.57 -34.20 -41.58
CA PRO C 219 -16.10 -33.41 -42.73
C PRO C 219 -17.21 -32.52 -43.25
N SER C 220 -16.81 -31.45 -43.93
CA SER C 220 -17.73 -30.45 -44.50
C SER C 220 -18.96 -31.07 -45.16
N ASP D 1 8.41 32.86 -8.30
CA ASP D 1 8.27 31.62 -7.54
C ASP D 1 6.79 31.29 -7.32
N VAL D 2 6.50 30.01 -7.15
CA VAL D 2 5.12 29.54 -7.02
C VAL D 2 4.55 29.99 -5.68
N GLN D 3 3.35 30.57 -5.72
CA GLN D 3 2.63 30.95 -4.50
C GLN D 3 1.17 30.57 -4.63
N LEU D 4 0.62 30.01 -3.55
CA LEU D 4 -0.81 29.73 -3.43
C LEU D 4 -1.28 30.35 -2.14
N VAL D 5 -2.38 31.12 -2.19
CA VAL D 5 -2.88 31.86 -1.05
C VAL D 5 -4.39 31.61 -0.92
N GLU D 6 -4.77 30.86 0.11
CA GLU D 6 -6.17 30.59 0.38
C GLU D 6 -6.82 31.70 1.18
N SER D 7 -8.14 31.86 0.97
CA SER D 7 -8.95 32.82 1.71
C SER D 7 -10.37 32.30 1.79
N GLY D 8 -11.17 32.91 2.67
CA GLY D 8 -12.58 32.58 2.79
C GLY D 8 -12.99 31.77 4.00
N GLY D 9 -12.05 31.38 4.87
CA GLY D 9 -12.41 30.60 6.04
C GLY D 9 -13.13 31.42 7.10
N GLY D 10 -13.58 30.72 8.13
CA GLY D 10 -14.27 31.37 9.23
C GLY D 10 -15.25 30.42 9.89
N LEU D 11 -16.16 31.01 10.67
CA LEU D 11 -17.09 30.26 11.50
C LEU D 11 -18.42 30.10 10.78
N VAL D 12 -18.91 28.87 10.73
CA VAL D 12 -20.13 28.50 10.04
C VAL D 12 -21.01 27.72 10.99
N GLN D 13 -22.30 28.04 11.02
CA GLN D 13 -23.24 27.26 11.81
C GLN D 13 -23.43 25.89 11.17
N PRO D 14 -23.69 24.86 11.98
CA PRO D 14 -23.99 23.54 11.42
C PRO D 14 -25.12 23.65 10.40
N GLY D 15 -24.97 22.88 9.31
CA GLY D 15 -25.87 22.93 8.19
C GLY D 15 -25.53 23.99 7.16
N GLY D 16 -24.60 24.90 7.47
CA GLY D 16 -24.37 26.07 6.65
C GLY D 16 -23.45 25.80 5.47
N SER D 17 -23.15 26.87 4.74
CA SER D 17 -22.24 26.81 3.58
C SER D 17 -21.09 27.78 3.75
N ARG D 18 -20.06 27.58 2.93
CA ARG D 18 -18.92 28.51 2.90
C ARG D 18 -18.16 28.29 1.60
N LYS D 19 -17.74 29.38 0.95
CA LYS D 19 -16.97 29.30 -0.29
C LYS D 19 -15.53 29.75 -0.05
N LEU D 20 -14.59 28.85 -0.32
CA LEU D 20 -13.16 29.13 -0.19
C LEU D 20 -12.55 29.45 -1.56
N SER D 21 -11.49 30.27 -1.52
CA SER D 21 -10.75 30.70 -2.71
C SER D 21 -9.27 30.41 -2.53
N CYS D 22 -8.57 30.27 -3.65
CA CYS D 22 -7.12 30.02 -3.65
C CYS D 22 -6.52 30.78 -4.83
N ALA D 23 -5.73 31.81 -4.54
CA ALA D 23 -5.14 32.61 -5.59
C ALA D 23 -3.75 32.07 -5.94
N ALA D 24 -3.54 31.79 -7.22
CA ALA D 24 -2.28 31.22 -7.69
C ALA D 24 -1.45 32.26 -8.39
N SER D 25 -0.12 32.18 -8.21
CA SER D 25 0.80 33.07 -8.89
C SER D 25 2.15 32.37 -9.03
N GLY D 26 2.90 32.78 -10.04
CA GLY D 26 4.24 32.26 -10.27
C GLY D 26 4.33 31.03 -11.14
N PHE D 27 3.25 30.59 -11.76
CA PHE D 27 3.28 29.50 -12.72
C PHE D 27 2.09 29.66 -13.66
N THR D 28 2.08 28.86 -14.71
CA THR D 28 0.98 28.90 -15.67
C THR D 28 -0.14 28.09 -15.06
N PHE D 29 -1.03 28.78 -14.34
CA PHE D 29 -2.09 28.13 -13.57
C PHE D 29 -2.98 27.26 -14.45
N SER D 30 -3.33 27.76 -15.64
CA SER D 30 -4.25 27.05 -16.53
C SER D 30 -3.68 25.76 -17.11
N GLY D 31 -2.41 25.45 -16.89
CA GLY D 31 -1.84 24.20 -17.36
C GLY D 31 -1.80 23.05 -16.37
N PHE D 32 -2.23 23.26 -15.12
CA PHE D 32 -2.00 22.28 -14.06
C PHE D 32 -3.29 21.91 -13.34
N GLY D 33 -3.43 20.63 -13.02
CA GLY D 33 -4.51 20.22 -12.14
C GLY D 33 -4.27 20.70 -10.71
N MET D 34 -5.37 20.87 -9.97
CA MET D 34 -5.33 21.46 -8.63
C MET D 34 -6.14 20.61 -7.65
N HIS D 35 -5.78 20.69 -6.37
CA HIS D 35 -6.41 19.90 -5.30
C HIS D 35 -6.74 20.76 -4.10
N TRP D 36 -7.72 20.29 -3.32
CA TRP D 36 -7.94 20.73 -1.95
C TRP D 36 -7.63 19.58 -1.00
N VAL D 37 -6.95 19.88 0.10
CA VAL D 37 -6.60 18.90 1.14
C VAL D 37 -6.88 19.55 2.48
N ARG D 38 -7.41 18.80 3.44
CA ARG D 38 -7.79 19.43 4.71
C ARG D 38 -7.20 18.67 5.89
N GLN D 39 -7.20 19.33 7.05
CA GLN D 39 -6.58 18.78 8.25
C GLN D 39 -7.37 19.24 9.47
N ALA D 40 -8.07 18.31 10.10
CA ALA D 40 -8.83 18.65 11.31
C ALA D 40 -7.85 18.98 12.43
N PRO D 41 -8.26 19.81 13.39
CA PRO D 41 -7.33 20.20 14.46
C PRO D 41 -6.72 18.98 15.15
N GLU D 42 -5.39 18.97 15.20
CA GLU D 42 -4.61 17.92 15.85
C GLU D 42 -4.79 16.55 15.19
N LYS D 43 -5.26 16.50 13.95
CA LYS D 43 -5.37 15.25 13.22
C LYS D 43 -4.55 15.31 11.94
N GLY D 44 -4.64 14.23 11.14
CA GLY D 44 -3.83 14.10 9.94
C GLY D 44 -4.47 14.74 8.70
N LEU D 45 -3.78 14.58 7.59
CA LEU D 45 -4.20 15.12 6.31
C LEU D 45 -5.24 14.23 5.65
N GLU D 46 -6.17 14.87 4.94
CA GLU D 46 -7.24 14.17 4.22
C GLU D 46 -7.49 14.91 2.92
N TRP D 47 -7.32 14.20 1.80
CA TRP D 47 -7.59 14.79 0.48
C TRP D 47 -9.08 14.99 0.27
N VAL D 48 -9.45 16.10 -0.38
CA VAL D 48 -10.85 16.53 -0.51
C VAL D 48 -11.35 16.43 -1.96
N ALA D 49 -10.61 17.00 -2.92
CA ALA D 49 -11.13 17.11 -4.28
C ALA D 49 -9.99 17.45 -5.27
N TYR D 50 -10.22 17.11 -6.54
CA TYR D 50 -9.27 17.35 -7.63
C TYR D 50 -10.02 17.90 -8.83
N ILE D 51 -9.40 18.83 -9.55
CA ILE D 51 -9.92 19.33 -10.82
C ILE D 51 -8.78 19.47 -11.82
N SER D 52 -8.98 18.92 -13.01
CA SER D 52 -7.94 18.92 -14.02
C SER D 52 -7.73 20.34 -14.58
N SER D 53 -6.71 20.46 -15.44
CA SER D 53 -6.24 21.78 -15.87
C SER D 53 -7.35 22.61 -16.51
N GLY D 54 -8.18 22.00 -17.34
CA GLY D 54 -9.30 22.70 -17.96
C GLY D 54 -10.67 22.21 -17.50
N SER D 55 -10.78 21.79 -16.24
CA SER D 55 -12.03 21.43 -15.58
C SER D 55 -12.70 20.19 -16.14
N SER D 56 -12.06 19.45 -17.06
CA SER D 56 -12.75 18.35 -17.72
C SER D 56 -12.91 17.13 -16.81
N LEU D 57 -12.02 16.95 -15.85
CA LEU D 57 -12.06 15.82 -14.93
C LEU D 57 -12.07 16.31 -13.49
N ILE D 58 -13.01 15.79 -12.70
CA ILE D 58 -13.21 16.19 -11.30
C ILE D 58 -13.45 14.94 -10.48
N TYR D 59 -12.77 14.83 -9.33
CA TYR D 59 -12.94 13.72 -8.39
C TYR D 59 -13.14 14.27 -6.99
N TYR D 60 -13.97 13.58 -6.18
CA TYR D 60 -14.23 13.95 -4.79
C TYR D 60 -13.95 12.79 -3.85
N ALA D 61 -13.56 13.11 -2.62
CA ALA D 61 -13.54 12.12 -1.55
C ALA D 61 -14.98 11.76 -1.18
N ASP D 62 -15.19 10.50 -0.78
CA ASP D 62 -16.55 10.06 -0.51
C ASP D 62 -17.21 10.89 0.60
N THR D 63 -16.41 11.40 1.56
CA THR D 63 -16.96 12.13 2.70
C THR D 63 -17.53 13.48 2.34
N VAL D 64 -17.20 14.03 1.17
CA VAL D 64 -17.74 15.31 0.75
C VAL D 64 -18.57 15.23 -0.53
N LYS D 65 -18.63 14.07 -1.19
CA LYS D 65 -19.36 13.93 -2.44
C LYS D 65 -20.83 14.33 -2.27
N GLY D 66 -21.31 15.13 -3.22
CA GLY D 66 -22.67 15.61 -3.20
C GLY D 66 -22.90 16.88 -2.42
N ARG D 67 -21.94 17.29 -1.59
CA ARG D 67 -22.05 18.52 -0.81
C ARG D 67 -21.10 19.61 -1.29
N PHE D 68 -19.87 19.24 -1.65
CA PHE D 68 -18.83 20.19 -2.03
C PHE D 68 -18.69 20.23 -3.56
N THR D 69 -18.33 21.40 -4.08
CA THR D 69 -18.08 21.58 -5.51
C THR D 69 -16.75 22.29 -5.70
N ILE D 70 -15.81 21.65 -6.42
CA ILE D 70 -14.57 22.31 -6.82
C ILE D 70 -14.76 22.95 -8.20
N SER D 71 -14.15 24.12 -8.41
CA SER D 71 -14.21 24.82 -9.68
C SER D 71 -12.99 25.74 -9.80
N ARG D 72 -12.82 26.32 -11.00
CA ARG D 72 -11.69 27.20 -11.23
C ARG D 72 -12.03 28.24 -12.30
N ASP D 73 -11.39 29.40 -12.17
CA ASP D 73 -11.47 30.49 -13.13
C ASP D 73 -10.05 30.71 -13.63
N ASN D 74 -9.75 30.17 -14.80
CA ASN D 74 -8.36 30.16 -15.25
C ASN D 74 -7.87 31.55 -15.64
N PRO D 75 -8.67 32.37 -16.33
CA PRO D 75 -8.21 33.74 -16.61
C PRO D 75 -7.87 34.54 -15.37
N LYS D 76 -8.57 34.29 -14.26
CA LYS D 76 -8.35 35.00 -13.00
C LYS D 76 -7.46 34.24 -12.02
N ASN D 77 -6.83 33.14 -12.45
CA ASN D 77 -5.85 32.42 -11.63
C ASN D 77 -6.38 32.09 -10.24
N THR D 78 -7.61 31.60 -10.18
CA THR D 78 -8.27 31.32 -8.90
C THR D 78 -8.85 29.92 -8.90
N LEU D 79 -8.63 29.20 -7.81
CA LEU D 79 -9.30 27.93 -7.52
C LEU D 79 -10.34 28.12 -6.43
N PHE D 80 -11.48 27.43 -6.54
CA PHE D 80 -12.55 27.54 -5.56
C PHE D 80 -12.93 26.20 -4.95
N LEU D 81 -13.49 26.26 -3.74
CA LEU D 81 -14.16 25.11 -3.12
C LEU D 81 -15.45 25.62 -2.48
N GLN D 82 -16.59 25.22 -3.02
CA GLN D 82 -17.87 25.56 -2.43
C GLN D 82 -18.29 24.42 -1.51
N MET D 83 -18.54 24.73 -0.24
CA MET D 83 -18.96 23.74 0.73
C MET D 83 -20.39 24.01 1.16
N THR D 84 -21.18 22.95 1.35
CA THR D 84 -22.59 23.08 1.75
C THR D 84 -22.94 21.99 2.75
N SER D 85 -24.08 22.17 3.43
CA SER D 85 -24.57 21.21 4.43
C SER D 85 -23.45 20.80 5.41
N LEU D 86 -22.76 21.81 5.95
CA LEU D 86 -21.56 21.52 6.74
C LEU D 86 -21.89 20.90 8.09
N ARG D 87 -20.95 20.08 8.57
CA ARG D 87 -21.08 19.36 9.83
C ARG D 87 -19.83 19.56 10.68
N SER D 88 -19.95 19.25 11.97
CA SER D 88 -18.81 19.45 12.86
C SER D 88 -17.56 18.71 12.36
N GLU D 89 -17.73 17.56 11.68
CA GLU D 89 -16.58 16.80 11.18
C GLU D 89 -15.87 17.49 10.02
N ASP D 90 -16.46 18.54 9.44
CA ASP D 90 -15.79 19.29 8.39
C ASP D 90 -14.89 20.39 8.92
N THR D 91 -14.88 20.61 10.24
CA THR D 91 -13.98 21.59 10.85
C THR D 91 -12.55 21.22 10.54
N ALA D 92 -11.81 22.11 9.89
CA ALA D 92 -10.44 21.78 9.48
C ALA D 92 -9.76 23.01 8.90
N MET D 93 -8.42 22.94 8.83
CA MET D 93 -7.62 23.82 7.97
C MET D 93 -7.70 23.30 6.53
N TYR D 94 -8.05 24.18 5.59
CA TYR D 94 -8.21 23.78 4.19
C TYR D 94 -7.04 24.34 3.37
N PHE D 95 -6.33 23.45 2.69
CA PHE D 95 -5.17 23.79 1.85
C PHE D 95 -5.50 23.57 0.38
N CYS D 96 -5.00 24.46 -0.49
CA CYS D 96 -4.95 24.13 -1.91
C CYS D 96 -3.53 23.73 -2.27
N ALA D 97 -3.41 22.85 -3.27
CA ALA D 97 -2.13 22.25 -3.60
C ALA D 97 -2.09 21.86 -5.06
N THR D 98 -0.87 21.71 -5.58
CA THR D 98 -0.70 21.34 -6.97
C THR D 98 0.57 20.53 -7.14
N SER D 99 0.62 19.80 -8.24
CA SER D 99 1.73 18.93 -8.62
C SER D 99 2.79 19.68 -9.42
N LEU D 100 4.00 19.12 -9.45
CA LEU D 100 5.02 19.59 -10.37
C LEU D 100 4.54 19.48 -11.81
N TYR D 101 4.03 18.30 -12.18
CA TYR D 101 3.54 18.06 -13.53
C TYR D 101 2.05 18.36 -13.59
N TYR D 102 1.41 17.97 -14.69
CA TYR D 102 0.08 18.49 -15.02
C TYR D 102 -1.03 17.77 -14.25
N GLY D 103 -1.03 16.44 -14.29
CA GLY D 103 -2.07 15.69 -13.62
C GLY D 103 -1.55 14.65 -12.64
N THR D 104 -0.27 14.76 -12.29
CA THR D 104 0.33 13.79 -11.39
C THR D 104 -0.25 13.93 -9.99
N PRO D 105 -0.59 12.81 -9.33
CA PRO D 105 -1.42 12.85 -8.12
C PRO D 105 -0.60 12.97 -6.83
N TRP D 106 0.09 14.09 -6.67
CA TRP D 106 0.82 14.39 -5.44
C TRP D 106 1.02 15.89 -5.36
N PHE D 107 1.41 16.35 -4.18
CA PHE D 107 1.33 17.76 -3.82
C PHE D 107 2.73 18.33 -3.59
N ALA D 108 3.30 18.92 -4.65
CA ALA D 108 4.60 19.56 -4.53
C ALA D 108 4.52 20.97 -3.98
N TYR D 109 3.43 21.70 -4.26
CA TYR D 109 3.26 23.06 -3.76
C TYR D 109 1.97 23.16 -2.94
N TRP D 110 2.01 23.93 -1.86
CA TRP D 110 0.91 24.05 -0.93
C TRP D 110 0.69 25.51 -0.57
N GLY D 111 -0.55 25.83 -0.21
CA GLY D 111 -0.85 27.13 0.36
C GLY D 111 -0.61 27.14 1.86
N GLN D 112 -0.90 28.30 2.48
CA GLN D 112 -0.75 28.43 3.92
C GLN D 112 -1.95 27.88 4.70
N GLY D 113 -3.09 27.68 4.05
CA GLY D 113 -4.29 27.17 4.69
C GLY D 113 -5.19 28.26 5.21
N THR D 114 -6.49 27.97 5.23
CA THR D 114 -7.51 28.83 5.81
C THR D 114 -8.44 27.96 6.65
N LEU D 115 -8.79 28.46 7.84
CA LEU D 115 -9.46 27.65 8.86
C LEU D 115 -10.99 27.78 8.77
N VAL D 116 -11.68 26.65 8.73
CA VAL D 116 -13.15 26.61 8.77
C VAL D 116 -13.56 25.91 10.05
N THR D 117 -14.35 26.58 10.88
CA THR D 117 -14.88 26.02 12.12
C THR D 117 -16.38 25.91 11.98
N VAL D 118 -16.91 24.69 12.11
CA VAL D 118 -18.36 24.45 12.04
C VAL D 118 -18.86 24.20 13.46
N SER D 119 -19.61 25.14 13.99
CA SER D 119 -20.02 25.04 15.39
C SER D 119 -21.21 25.95 15.64
N ALA D 120 -22.03 25.56 16.62
CA ALA D 120 -23.16 26.38 17.04
C ALA D 120 -22.75 27.47 18.03
N ALA D 121 -21.52 27.44 18.54
CA ALA D 121 -21.05 28.46 19.47
C ALA D 121 -20.89 29.81 18.77
N LYS D 122 -21.11 30.88 19.52
CA LYS D 122 -21.09 32.23 18.98
C LYS D 122 -19.71 32.84 19.12
N THR D 123 -19.39 33.77 18.21
CA THR D 123 -18.16 34.54 18.34
C THR D 123 -18.20 35.32 19.64
N THR D 124 -17.12 35.23 20.42
CA THR D 124 -17.04 35.77 21.77
C THR D 124 -15.64 36.28 22.03
N PRO D 125 -15.48 37.49 22.56
CA PRO D 125 -14.14 38.00 22.86
C PRO D 125 -13.62 37.42 24.16
N PRO D 126 -12.30 37.39 24.35
CA PRO D 126 -11.74 36.81 25.57
C PRO D 126 -11.78 37.76 26.76
N SER D 127 -11.77 37.18 27.95
CA SER D 127 -11.42 37.89 29.18
C SER D 127 -9.96 37.62 29.46
N VAL D 128 -9.19 38.66 29.72
CA VAL D 128 -7.76 38.52 29.97
C VAL D 128 -7.49 38.77 31.45
N TYR D 129 -7.01 37.75 32.14
CA TYR D 129 -6.72 37.83 33.56
C TYR D 129 -5.22 37.78 33.82
N PRO D 130 -4.70 38.64 34.70
CA PRO D 130 -3.26 38.60 34.99
C PRO D 130 -2.91 37.44 35.92
N LEU D 131 -1.73 36.87 35.68
CA LEU D 131 -1.17 35.83 36.54
C LEU D 131 0.08 36.41 37.19
N ALA D 132 -0.06 36.83 38.44
CA ALA D 132 1.02 37.43 39.20
C ALA D 132 1.19 36.68 40.51
N PRO D 133 2.43 36.60 41.01
CA PRO D 133 2.67 35.85 42.25
C PRO D 133 1.85 36.39 43.42
N GLY D 134 1.40 35.48 44.27
CA GLY D 134 0.75 35.88 45.50
C GLY D 134 1.72 36.56 46.44
N CYS D 135 1.18 37.05 47.56
CA CYS D 135 1.97 37.79 48.52
C CYS D 135 3.03 36.90 49.18
N GLY D 136 4.05 37.55 49.71
CA GLY D 136 5.12 36.85 50.40
C GLY D 136 6.49 37.17 49.85
N ASP D 137 7.52 36.97 50.67
CA ASP D 137 8.89 37.17 50.23
C ASP D 137 9.20 36.28 49.02
N THR D 138 10.09 36.75 48.16
CA THR D 138 10.45 36.02 46.96
C THR D 138 11.96 36.09 46.73
N THR D 139 12.59 34.93 46.57
CA THR D 139 13.99 34.84 46.21
C THR D 139 14.10 34.33 44.77
N GLY D 140 15.31 34.03 44.36
CA GLY D 140 15.51 33.58 42.99
C GLY D 140 15.80 34.73 42.05
N SER D 141 16.62 34.45 41.04
CA SER D 141 17.03 35.47 40.09
C SER D 141 15.95 35.77 39.06
N SER D 142 14.99 34.88 38.85
CA SER D 142 14.00 35.05 37.81
C SER D 142 12.59 34.96 38.39
N VAL D 143 11.64 35.57 37.69
CA VAL D 143 10.24 35.57 38.06
C VAL D 143 9.42 35.23 36.83
N THR D 144 8.41 34.38 37.01
CA THR D 144 7.53 33.97 35.92
C THR D 144 6.18 34.64 36.12
N LEU D 145 5.68 35.28 35.06
CA LEU D 145 4.38 35.91 35.01
C LEU D 145 3.56 35.26 33.89
N GLY D 146 2.27 35.55 33.88
CA GLY D 146 1.42 34.94 32.86
C GLY D 146 0.16 35.73 32.63
N CYS D 147 -0.54 35.39 31.55
CA CYS D 147 -1.88 35.89 31.27
C CYS D 147 -2.79 34.72 30.96
N LEU D 148 -3.97 34.70 31.60
CA LEU D 148 -5.01 33.69 31.36
C LEU D 148 -6.06 34.27 30.41
N VAL D 149 -6.23 33.64 29.25
CA VAL D 149 -7.08 34.16 28.19
C VAL D 149 -8.28 33.21 28.10
N LYS D 150 -9.42 33.62 28.65
CA LYS D 150 -10.51 32.69 28.98
C LYS D 150 -11.82 33.06 28.31
N GLY D 151 -12.53 32.06 27.81
CA GLY D 151 -13.90 32.24 27.36
C GLY D 151 -14.11 32.86 26.00
N TYR D 152 -13.27 32.52 25.02
CA TYR D 152 -13.39 33.12 23.69
C TYR D 152 -13.76 32.05 22.66
N PHE D 153 -14.22 32.52 21.50
CA PHE D 153 -14.58 31.67 20.37
C PHE D 153 -14.67 32.52 19.11
N PRO D 154 -14.25 32.03 17.92
CA PRO D 154 -13.50 30.80 17.60
C PRO D 154 -12.01 30.94 17.92
N GLU D 155 -11.20 30.00 17.40
CA GLU D 155 -9.91 29.70 17.99
C GLU D 155 -8.87 30.83 18.04
N SER D 156 -8.34 31.28 16.92
CA SER D 156 -6.99 31.85 16.98
C SER D 156 -6.91 33.12 17.85
N VAL D 157 -6.07 33.07 18.89
CA VAL D 157 -5.61 34.27 19.57
C VAL D 157 -4.08 34.28 19.49
N THR D 158 -3.51 35.47 19.62
CA THR D 158 -2.07 35.62 19.73
C THR D 158 -1.77 36.49 20.95
N VAL D 159 -0.84 36.04 21.78
CA VAL D 159 -0.43 36.77 22.98
C VAL D 159 1.02 37.15 22.81
N THR D 160 1.32 38.43 22.96
CA THR D 160 2.70 38.91 22.96
C THR D 160 2.97 39.63 24.27
N TRP D 161 4.25 39.86 24.53
CA TRP D 161 4.71 40.43 25.79
C TRP D 161 5.61 41.61 25.49
N ASN D 162 5.28 42.77 26.06
CA ASN D 162 5.97 44.02 25.77
C ASN D 162 6.13 44.23 24.26
N SER D 163 5.03 43.97 23.55
CA SER D 163 4.94 44.15 22.09
C SER D 163 6.07 43.47 21.34
N GLY D 164 6.57 42.35 21.87
CA GLY D 164 7.52 41.51 21.18
C GLY D 164 8.95 41.61 21.65
N SER D 165 9.30 42.65 22.42
CA SER D 165 10.68 42.80 22.87
C SER D 165 11.10 41.68 23.83
N LEU D 166 10.14 41.00 24.46
CA LEU D 166 10.39 39.79 25.23
C LEU D 166 9.80 38.62 24.46
N SER D 167 10.64 37.66 24.07
CA SER D 167 10.15 36.52 23.29
C SER D 167 10.94 35.26 23.56
N SER D 168 12.18 35.40 24.05
CA SER D 168 13.03 34.23 24.21
C SER D 168 12.56 33.30 25.33
N SER D 169 11.83 33.83 26.31
CA SER D 169 11.41 33.05 27.47
C SER D 169 9.88 32.97 27.58
N VAL D 170 9.19 32.94 26.45
CA VAL D 170 7.73 32.95 26.40
C VAL D 170 7.24 31.56 26.05
N HIS D 171 6.17 31.11 26.72
CA HIS D 171 5.49 29.87 26.39
C HIS D 171 4.03 30.17 26.06
N THR D 172 3.55 29.64 24.92
CA THR D 172 2.16 29.76 24.48
C THR D 172 1.50 28.40 24.65
N PHE D 173 0.51 28.30 25.57
CA PHE D 173 -0.10 26.99 25.82
C PHE D 173 -1.31 26.80 24.93
N PRO D 174 -1.42 25.67 24.24
CA PRO D 174 -2.54 25.46 23.31
C PRO D 174 -3.89 25.54 24.01
N ALA D 175 -4.86 26.05 23.27
CA ALA D 175 -6.20 26.28 23.79
C ALA D 175 -6.97 24.97 24.00
N LEU D 176 -7.86 24.98 24.98
CA LEU D 176 -8.71 23.86 25.30
C LEU D 176 -10.16 24.32 25.36
N LEU D 177 -11.07 23.48 24.87
CA LEU D 177 -12.49 23.79 24.97
C LEU D 177 -12.98 23.58 26.39
N GLN D 178 -13.64 24.58 26.94
CA GLN D 178 -14.09 24.59 28.33
C GLN D 178 -15.48 25.22 28.37
N SER D 179 -16.50 24.38 28.52
CA SER D 179 -17.91 24.81 28.58
C SER D 179 -18.30 25.60 27.33
N GLY D 180 -17.96 25.03 26.17
CA GLY D 180 -18.32 25.62 24.89
C GLY D 180 -17.47 26.78 24.45
N LEU D 181 -16.41 27.13 25.18
CA LEU D 181 -15.54 28.24 24.83
C LEU D 181 -14.09 27.81 25.00
N TYR D 182 -13.18 28.60 24.42
CA TYR D 182 -11.75 28.28 24.51
C TYR D 182 -11.10 29.04 25.67
N THR D 183 -10.12 28.38 26.30
CA THR D 183 -9.25 28.99 27.30
C THR D 183 -7.81 28.62 26.97
N MET D 184 -6.92 29.60 26.98
CA MET D 184 -5.49 29.39 26.81
C MET D 184 -4.75 30.28 27.79
N SER D 185 -3.43 30.08 27.90
CA SER D 185 -2.60 30.97 28.73
C SER D 185 -1.23 31.11 28.08
N SER D 186 -0.49 32.10 28.56
CA SER D 186 0.84 32.40 28.09
C SER D 186 1.71 32.77 29.28
N SER D 187 2.96 32.29 29.30
CA SER D 187 3.87 32.64 30.38
C SER D 187 5.11 33.34 29.83
N VAL D 188 5.69 34.21 30.64
CA VAL D 188 6.97 34.84 30.36
C VAL D 188 7.81 34.83 31.64
N THR D 189 9.12 34.70 31.47
CA THR D 189 10.06 34.64 32.59
C THR D 189 11.12 35.72 32.39
N VAL D 190 11.35 36.53 33.42
CA VAL D 190 12.28 37.66 33.36
C VAL D 190 13.12 37.68 34.62
N PRO D 191 14.30 38.29 34.57
CA PRO D 191 15.09 38.47 35.78
C PRO D 191 14.29 39.21 36.85
N SER D 192 14.56 38.87 38.11
CA SER D 192 13.80 39.44 39.23
C SER D 192 14.06 40.94 39.39
N SER D 193 15.23 41.42 38.97
CA SER D 193 15.48 42.86 39.01
C SER D 193 14.74 43.61 37.90
N THR D 194 13.95 42.92 37.09
CA THR D 194 13.15 43.55 36.04
C THR D 194 11.75 43.92 36.54
N TRP D 195 11.08 43.01 37.22
CA TRP D 195 9.71 43.21 37.66
C TRP D 195 9.63 43.06 39.19
N PRO D 196 8.80 43.86 39.87
CA PRO D 196 7.81 44.80 39.31
C PRO D 196 8.32 46.20 39.07
N SER D 197 9.63 46.43 39.17
CA SER D 197 10.15 47.78 38.99
C SER D 197 9.93 48.28 37.56
N GLN D 198 9.86 47.38 36.59
CA GLN D 198 9.61 47.75 35.20
C GLN D 198 8.25 47.26 34.77
N THR D 199 7.81 47.76 33.61
CA THR D 199 6.50 47.41 33.08
C THR D 199 6.56 46.09 32.34
N VAL D 200 5.62 45.20 32.67
CA VAL D 200 5.38 43.98 31.92
C VAL D 200 3.88 43.91 31.64
N THR D 201 3.52 43.82 30.37
CA THR D 201 2.11 43.73 29.97
C THR D 201 1.99 42.75 28.82
N CYS D 202 0.91 41.98 28.82
CA CYS D 202 0.60 41.09 27.72
C CYS D 202 -0.40 41.76 26.79
N SER D 203 -0.18 41.60 25.49
CA SER D 203 -1.09 42.07 24.45
C SER D 203 -1.79 40.87 23.84
N VAL D 204 -3.12 40.89 23.81
CA VAL D 204 -3.91 39.73 23.40
C VAL D 204 -4.78 40.13 22.21
N ALA D 205 -4.56 39.47 21.07
CA ALA D 205 -5.29 39.77 19.85
C ALA D 205 -6.23 38.61 19.52
N HIS D 206 -7.51 38.94 19.32
CA HIS D 206 -8.53 37.97 18.90
C HIS D 206 -9.19 38.53 17.65
N PRO D 207 -8.61 38.28 16.47
CA PRO D 207 -9.14 38.90 15.23
C PRO D 207 -10.63 38.68 15.01
N ALA D 208 -11.15 37.48 15.31
CA ALA D 208 -12.55 37.17 15.05
C ALA D 208 -13.49 38.18 15.72
N SER D 209 -13.13 38.68 16.90
CA SER D 209 -13.94 39.67 17.60
C SER D 209 -13.38 41.08 17.47
N SER D 210 -12.32 41.26 16.67
CA SER D 210 -11.66 42.56 16.50
C SER D 210 -11.27 43.17 17.84
N THR D 211 -10.73 42.36 18.74
CA THR D 211 -10.24 42.87 20.02
C THR D 211 -8.73 42.74 20.09
N THR D 212 -8.11 43.80 20.61
CA THR D 212 -6.67 43.85 20.86
C THR D 212 -6.52 44.53 22.21
N VAL D 213 -6.28 43.74 23.26
CA VAL D 213 -6.31 44.21 24.64
C VAL D 213 -4.93 44.08 25.26
N ASP D 214 -4.54 45.08 26.06
CA ASP D 214 -3.30 45.05 26.82
C ASP D 214 -3.65 44.96 28.31
N LYS D 215 -2.99 44.03 29.02
CA LYS D 215 -3.19 43.87 30.46
C LYS D 215 -1.86 44.04 31.17
N LYS D 216 -1.80 45.00 32.09
CA LYS D 216 -0.61 45.24 32.90
C LYS D 216 -0.55 44.30 34.08
N LEU D 217 0.64 43.78 34.35
CA LEU D 217 0.85 42.88 35.47
C LEU D 217 1.30 43.66 36.70
N GLU D 218 0.52 43.55 37.78
CA GLU D 218 0.76 44.30 39.01
C GLU D 218 1.08 43.36 40.16
N PRO D 219 1.97 43.74 41.06
CA PRO D 219 2.30 42.88 42.20
C PRO D 219 1.27 43.01 43.33
N SER D 220 1.31 42.03 44.23
CA SER D 220 0.39 41.98 45.37
C SER D 220 0.39 43.29 46.16
#